data_1T6G
#
_entry.id   1T6G
#
_cell.length_a   88.434
_cell.length_b   88.434
_cell.length_c   128.995
_cell.angle_alpha   90.00
_cell.angle_beta   90.00
_cell.angle_gamma   120.00
#
_symmetry.space_group_name_H-M   'P 32'
#
loop_
_entity.id
_entity.type
_entity.pdbx_description
1 polymer 'xylanase inhibitor'
2 polymer 'Endo-1,4-beta-xylanase I'
3 non-polymer GLYCEROL
4 water water
#
loop_
_entity_poly.entity_id
_entity_poly.type
_entity_poly.pdbx_seq_one_letter_code
_entity_poly.pdbx_strand_id
1 'polypeptide(L)'
;LPVLAPVTKDPATSLYTIPFHDGASLVLDVAGPLVWSTCDGGQPPAEIPCSSPTCLLANAYPAPGCPAPSCGSDKHDKPC
TAYPYNPVSGACAAGSLSHTRFVANTTDGSKPVSKVNVGVLAACAPSKLLASLPRGSTGVAGLANSGLALPAQVASAQKV
ANRFLLCLPTGGPGVAIFGGGPVPWPQFTQSMPYTPLVTKGGSPAHYISARSIVVGDTRVPVPEGALATGGVMLSTRLPY
VLLRPDVYRPLMDAFTKALAAQHANGAPVARAVEAVAPFGVCYDTKTLGNNLGGYAVPNVQLGLDGGSDWTMTGKNSMVD
VKQGTACVAFVEMKGVAAGDGRAPAVILGGAQMEDFVLDFDMEKKRLGFSRLPHFTGCGGL
;
A,B
2 'polypeptide(L)'
;SAGINYVQNYNGNLGDFTYDESAGTFSMYWEDGVSSDFVVGLGWTTGSSNAITYSAEYSASGSSSYLAVYGWVNYPQAEY
YIVEDYGDYNPCSSATSLGTVYSDGSTYQVCTDTRTNEPSITGTSTFTQYFSVRESTRTSGTVTVANHFNFWAQHGFGNS
DFNYQVMAVEAWSGAGSASVTISS
;
C,D
#
# COMPACT_ATOMS: atom_id res chain seq x y z
N LEU A 1 -34.05 6.85 43.67
CA LEU A 1 -33.38 6.42 42.41
C LEU A 1 -32.61 7.59 41.77
N PRO A 2 -31.57 7.31 41.01
CA PRO A 2 -30.89 8.35 40.22
C PRO A 2 -31.83 9.07 39.26
N VAL A 3 -31.43 10.26 38.82
CA VAL A 3 -32.25 11.13 37.99
C VAL A 3 -31.70 11.20 36.56
N LEU A 4 -32.61 11.01 35.60
CA LEU A 4 -32.27 10.91 34.18
C LEU A 4 -32.80 12.11 33.42
N ALA A 5 -31.96 12.70 32.58
CA ALA A 5 -32.41 13.74 31.65
C ALA A 5 -31.82 13.47 30.27
N PRO A 6 -32.59 13.73 29.22
CA PRO A 6 -32.06 13.58 27.87
C PRO A 6 -31.18 14.77 27.50
N VAL A 7 -30.11 14.50 26.73
CA VAL A 7 -29.12 15.49 26.36
C VAL A 7 -29.26 15.82 24.86
N THR A 8 -29.36 17.09 24.53
CA THR A 8 -29.42 17.54 23.16
C THR A 8 -28.15 18.31 22.78
N LYS A 9 -27.55 17.97 21.65
CA LYS A 9 -26.49 18.79 21.09
C LYS A 9 -27.16 19.82 20.20
N ASP A 10 -27.02 21.08 20.57
CA ASP A 10 -27.60 22.18 19.82
C ASP A 10 -26.84 22.38 18.50
N PRO A 11 -27.49 22.28 17.34
CA PRO A 11 -26.76 22.41 16.07
C PRO A 11 -25.98 23.71 15.89
N ALA A 12 -26.61 24.85 16.18
CA ALA A 12 -25.96 26.16 15.98
C ALA A 12 -24.74 26.44 16.86
N THR A 13 -24.78 26.03 18.13
CA THR A 13 -23.70 26.34 19.06
C THR A 13 -22.77 25.16 19.40
N SER A 14 -23.21 23.94 19.06
CA SER A 14 -22.54 22.69 19.44
C SER A 14 -22.52 22.41 20.93
N LEU A 15 -23.27 23.18 21.72
CA LEU A 15 -23.30 22.99 23.16
C LEU A 15 -24.35 21.93 23.50
N TYR A 16 -24.23 21.31 24.66
CA TYR A 16 -25.13 20.23 25.07
C TYR A 16 -26.03 20.78 26.18
N THR A 17 -27.32 20.52 26.06
CA THR A 17 -28.31 20.97 27.03
C THR A 17 -29.13 19.82 27.58
N ILE A 18 -29.71 20.04 28.77
CA ILE A 18 -30.76 19.20 29.33
C ILE A 18 -31.98 20.06 29.66
N PRO A 19 -33.16 19.47 29.63
CA PRO A 19 -34.34 20.20 30.09
C PRO A 19 -34.23 20.40 31.58
N PHE A 20 -34.60 21.58 32.07
CA PHE A 20 -34.50 21.86 33.49
C PHE A 20 -35.88 21.89 34.14
N HIS A 21 -36.75 22.71 33.59
CA HIS A 21 -38.17 22.75 33.93
C HIS A 21 -38.87 23.63 32.91
N ASP A 22 -40.21 23.70 32.94
CA ASP A 22 -40.93 24.75 32.18
C ASP A 22 -40.47 24.94 30.73
N GLY A 23 -40.04 23.89 30.05
CA GLY A 23 -39.46 24.03 28.72
C GLY A 23 -38.08 24.73 28.63
N ALA A 24 -37.61 25.31 29.74
CA ALA A 24 -36.26 25.86 29.83
C ALA A 24 -35.21 24.76 29.89
N SER A 25 -34.10 24.96 29.18
CA SER A 25 -32.97 24.05 29.21
C SER A 25 -31.75 24.73 29.81
N LEU A 26 -30.80 23.92 30.28
CA LEU A 26 -29.53 24.44 30.78
C LEU A 26 -28.39 23.80 30.00
N VAL A 27 -27.32 24.56 29.83
CA VAL A 27 -26.12 24.09 29.15
C VAL A 27 -25.28 23.30 30.14
N LEU A 28 -24.87 22.09 29.73
CA LEU A 28 -23.96 21.29 30.54
C LEU A 28 -22.55 21.85 30.47
N ASP A 29 -22.00 22.20 31.63
CA ASP A 29 -20.66 22.76 31.70
C ASP A 29 -19.90 21.91 32.70
N VAL A 30 -19.11 20.95 32.23
CA VAL A 30 -18.46 20.03 33.17
C VAL A 30 -17.36 20.67 34.02
N ALA A 31 -16.96 21.90 33.71
CA ALA A 31 -16.00 22.62 34.55
C ALA A 31 -16.65 23.72 35.38
N GLY A 32 -17.97 23.85 35.25
CA GLY A 32 -18.70 24.89 35.95
C GLY A 32 -19.10 24.45 37.35
N PRO A 33 -18.87 25.30 38.34
CA PRO A 33 -19.20 25.00 39.74
C PRO A 33 -20.61 25.34 40.22
N LEU A 34 -21.36 26.12 39.44
CA LEU A 34 -22.70 26.56 39.82
C LEU A 34 -23.74 26.14 38.82
N VAL A 35 -24.97 26.01 39.32
CA VAL A 35 -26.16 26.00 38.48
C VAL A 35 -26.66 27.43 38.51
N TRP A 36 -26.92 28.00 37.34
CA TRP A 36 -27.49 29.33 37.27
C TRP A 36 -28.48 29.44 36.13
N SER A 37 -29.47 30.30 36.32
CA SER A 37 -30.44 30.57 35.28
C SER A 37 -30.98 31.97 35.46
N THR A 38 -31.67 32.46 34.44
CA THR A 38 -32.56 33.59 34.65
C THR A 38 -33.69 33.11 35.55
N CYS A 39 -34.27 34.06 36.26
CA CYS A 39 -35.31 33.78 37.23
C CYS A 39 -36.43 34.79 37.13
N ASP A 40 -37.58 34.41 37.66
CA ASP A 40 -38.68 35.33 37.89
C ASP A 40 -39.17 35.08 39.33
N GLY A 41 -40.41 35.43 39.65
CA GLY A 41 -40.99 35.06 40.94
C GLY A 41 -41.14 33.55 41.03
N GLY A 42 -41.24 33.02 42.24
CA GLY A 42 -41.21 31.57 42.39
C GLY A 42 -39.85 30.93 42.14
N GLN A 43 -38.83 31.76 41.93
CA GLN A 43 -37.46 31.44 42.30
C GLN A 43 -37.02 32.56 43.23
N PRO A 44 -37.60 32.61 44.43
CA PRO A 44 -37.31 33.70 45.36
C PRO A 44 -35.93 33.52 45.97
N PRO A 45 -35.26 34.61 46.34
CA PRO A 45 -33.93 34.52 46.96
C PRO A 45 -33.96 33.64 48.21
N ALA A 46 -32.99 32.75 48.33
CA ALA A 46 -32.85 31.92 49.51
C ALA A 46 -32.46 32.77 50.72
N GLU A 47 -32.62 32.17 51.89
CA GLU A 47 -32.42 32.84 53.17
C GLU A 47 -30.96 32.60 53.58
N ILE A 48 -30.03 33.10 52.76
CA ILE A 48 -28.60 32.74 52.87
C ILE A 48 -27.76 33.99 53.08
N PRO A 49 -27.22 34.18 54.28
CA PRO A 49 -26.35 35.33 54.55
C PRO A 49 -24.98 35.12 53.95
N CYS A 50 -24.27 36.20 53.65
CA CYS A 50 -23.05 36.09 52.86
C CYS A 50 -21.79 35.75 53.67
N SER A 51 -21.99 35.33 54.92
CA SER A 51 -20.93 34.81 55.77
C SER A 51 -21.08 33.29 55.97
N SER A 52 -22.27 32.76 55.69
CA SER A 52 -22.56 31.33 55.82
C SER A 52 -21.66 30.46 54.92
N PRO A 53 -21.45 29.20 55.28
CA PRO A 53 -20.67 28.29 54.44
C PRO A 53 -21.16 28.20 52.98
N THR A 54 -22.48 28.22 52.77
CA THR A 54 -23.04 28.10 51.43
C THR A 54 -22.65 29.25 50.52
N CYS A 55 -22.57 30.45 51.07
CA CYS A 55 -22.21 31.62 50.28
C CYS A 55 -20.74 31.65 49.89
N LEU A 56 -19.86 31.31 50.82
CA LEU A 56 -18.42 31.28 50.56
C LEU A 56 -18.11 30.21 49.51
N LEU A 57 -18.83 29.10 49.59
CA LEU A 57 -18.75 28.02 48.60
C LEU A 57 -19.19 28.51 47.22
N ALA A 58 -20.28 29.25 47.18
CA ALA A 58 -20.82 29.76 45.93
C ALA A 58 -19.84 30.73 45.23
N ASN A 59 -18.96 31.34 46.03
CA ASN A 59 -17.98 32.31 45.52
C ASN A 59 -16.55 31.74 45.52
N ALA A 60 -16.41 30.43 45.66
CA ALA A 60 -15.09 29.80 45.83
C ALA A 60 -14.17 29.88 44.60
N TYR A 61 -14.74 30.03 43.40
CA TYR A 61 -13.95 29.99 42.17
C TYR A 61 -14.24 31.18 41.26
N PRO A 62 -13.90 32.39 41.69
CA PRO A 62 -14.31 33.59 40.95
C PRO A 62 -13.82 33.54 39.50
N ALA A 63 -14.65 33.98 38.57
CA ALA A 63 -14.27 34.02 37.16
C ALA A 63 -13.39 35.24 36.94
N PRO A 64 -12.46 35.16 35.99
CA PRO A 64 -11.44 36.21 35.78
C PRO A 64 -11.93 37.66 35.86
N GLY A 65 -13.08 37.98 35.27
CA GLY A 65 -13.60 39.35 35.26
C GLY A 65 -14.55 39.68 36.39
N CYS A 66 -14.35 39.05 37.54
CA CYS A 66 -15.27 39.13 38.68
C CYS A 66 -14.52 38.95 40.01
N PRO A 67 -14.39 40.01 40.82
CA PRO A 67 -13.60 39.94 42.05
C PRO A 67 -14.35 39.26 43.22
N ALA A 68 -15.23 39.99 43.90
CA ALA A 68 -16.00 39.44 45.02
C ALA A 68 -17.03 40.47 45.50
N PRO A 79 -27.66 39.46 52.48
CA PRO A 79 -27.91 38.29 51.62
C PRO A 79 -26.74 37.97 50.68
N CYS A 80 -26.75 36.76 50.13
CA CYS A 80 -25.62 36.27 49.32
C CYS A 80 -25.67 36.84 47.91
N THR A 81 -24.50 37.18 47.37
CA THR A 81 -24.40 37.47 45.95
C THR A 81 -23.26 36.64 45.34
N ALA A 82 -23.63 35.71 44.49
CA ALA A 82 -22.70 34.89 43.73
C ALA A 82 -22.44 35.58 42.40
N TYR A 83 -21.54 35.00 41.61
CA TYR A 83 -21.19 35.59 40.33
C TYR A 83 -21.21 34.52 39.23
N PRO A 84 -22.41 34.20 38.71
CA PRO A 84 -22.53 33.25 37.60
C PRO A 84 -21.70 33.65 36.39
N TYR A 85 -21.14 32.66 35.71
CA TYR A 85 -20.13 32.82 34.66
C TYR A 85 -20.68 32.14 33.39
N ASN A 86 -20.70 32.85 32.26
CA ASN A 86 -21.06 32.24 30.98
C ASN A 86 -19.79 31.62 30.43
N PRO A 87 -19.75 30.31 30.28
CA PRO A 87 -18.50 29.62 29.95
C PRO A 87 -18.12 29.72 28.46
N VAL A 88 -18.99 30.27 27.63
CA VAL A 88 -18.69 30.48 26.21
C VAL A 88 -18.12 31.88 25.95
N SER A 89 -18.83 32.90 26.42
CA SER A 89 -18.42 34.29 26.23
C SER A 89 -17.42 34.78 27.29
N GLY A 90 -17.38 34.12 28.44
CA GLY A 90 -16.57 34.56 29.57
C GLY A 90 -17.22 35.67 30.41
N ALA A 91 -18.43 36.08 30.04
CA ALA A 91 -19.13 37.14 30.76
C ALA A 91 -19.56 36.64 32.13
N CYS A 92 -19.52 37.52 33.11
CA CYS A 92 -20.07 37.21 34.42
C CYS A 92 -20.89 38.38 34.95
N ALA A 93 -21.67 38.10 35.98
CA ALA A 93 -22.55 39.10 36.57
C ALA A 93 -22.99 38.71 37.98
N ALA A 94 -23.32 39.71 38.77
CA ALA A 94 -23.79 39.49 40.13
C ALA A 94 -25.18 38.87 40.11
N GLY A 95 -25.37 37.89 40.98
CA GLY A 95 -26.64 37.20 41.09
C GLY A 95 -26.90 36.71 42.50
N SER A 96 -28.18 36.58 42.83
CA SER A 96 -28.59 36.10 44.15
C SER A 96 -28.82 34.59 44.05
N LEU A 97 -28.63 33.87 45.14
CA LEU A 97 -28.94 32.44 45.19
C LEU A 97 -30.43 32.27 45.49
N SER A 98 -31.07 31.35 44.77
CA SER A 98 -32.52 31.15 44.85
C SER A 98 -32.89 29.68 44.74
N HIS A 99 -34.06 29.33 45.26
CA HIS A 99 -34.56 27.97 45.20
C HIS A 99 -35.24 27.74 43.87
N THR A 100 -34.87 26.64 43.22
CA THR A 100 -35.46 26.31 41.94
C THR A 100 -35.71 24.80 41.87
N ARG A 101 -36.37 24.36 40.81
CA ARG A 101 -36.76 22.95 40.68
C ARG A 101 -36.14 22.38 39.40
N PHE A 102 -35.51 21.22 39.54
CA PHE A 102 -35.00 20.43 38.42
C PHE A 102 -36.02 19.32 38.26
N VAL A 103 -36.74 19.36 37.15
CA VAL A 103 -37.84 18.44 36.86
C VAL A 103 -37.40 17.47 35.78
N ALA A 104 -37.40 16.18 36.12
CA ALA A 104 -36.87 15.14 35.24
C ALA A 104 -37.59 13.83 35.53
N ASN A 105 -36.93 12.71 35.24
CA ASN A 105 -37.45 11.39 35.57
C ASN A 105 -36.44 10.67 36.45
N THR A 106 -36.89 9.73 37.28
CA THR A 106 -35.98 8.77 37.90
C THR A 106 -35.70 7.66 36.89
N THR A 107 -34.68 6.87 37.16
CA THR A 107 -34.38 5.70 36.36
C THR A 107 -33.78 4.58 37.20
N ASP A 108 -34.16 3.36 36.84
CA ASP A 108 -33.58 2.14 37.40
C ASP A 108 -32.48 1.54 36.52
N GLY A 109 -32.02 2.31 35.53
CA GLY A 109 -30.98 1.87 34.62
C GLY A 109 -30.72 2.97 33.61
N SER A 110 -31.44 2.91 32.48
CA SER A 110 -31.38 3.97 31.45
C SER A 110 -32.74 4.52 31.03
N LYS A 111 -33.84 3.85 31.40
CA LYS A 111 -35.18 4.25 30.98
C LYS A 111 -35.88 5.01 32.12
N PRO A 112 -36.75 5.96 31.78
CA PRO A 112 -37.48 6.71 32.81
C PRO A 112 -38.48 5.83 33.54
N VAL A 113 -38.69 6.12 34.82
CA VAL A 113 -39.59 5.35 35.67
C VAL A 113 -40.73 6.27 36.16
N SER A 114 -40.37 7.29 36.92
CA SER A 114 -41.35 8.27 37.43
C SER A 114 -40.83 9.68 37.29
N LYS A 115 -41.74 10.62 37.10
CA LYS A 115 -41.42 12.04 37.23
C LYS A 115 -40.84 12.32 38.62
N VAL A 116 -39.90 13.25 38.67
CA VAL A 116 -39.30 13.68 39.93
C VAL A 116 -39.05 15.19 39.85
N ASN A 117 -39.25 15.88 40.97
CA ASN A 117 -38.95 17.30 41.11
C ASN A 117 -37.91 17.45 42.20
N VAL A 118 -36.70 17.86 41.83
CA VAL A 118 -35.56 17.95 42.73
C VAL A 118 -35.29 19.41 43.05
N GLY A 119 -35.28 19.77 44.33
CA GLY A 119 -34.96 21.14 44.70
C GLY A 119 -33.48 21.39 44.58
N VAL A 120 -33.09 22.47 43.89
CA VAL A 120 -31.67 22.87 43.85
C VAL A 120 -31.50 24.37 44.04
N LEU A 121 -30.35 24.77 44.58
CA LEU A 121 -29.97 26.18 44.68
C LEU A 121 -29.30 26.59 43.38
N ALA A 122 -29.83 27.63 42.74
CA ALA A 122 -29.23 28.22 41.55
C ALA A 122 -28.99 29.71 41.76
N ALA A 123 -27.95 30.24 41.14
CA ALA A 123 -27.76 31.70 41.08
C ALA A 123 -28.69 32.27 40.00
N CYS A 124 -29.32 33.40 40.30
CA CYS A 124 -30.22 34.06 39.36
C CYS A 124 -29.41 35.09 38.58
N ALA A 125 -29.31 34.89 37.28
CA ALA A 125 -28.47 35.74 36.43
C ALA A 125 -29.34 36.65 35.59
N PRO A 126 -28.80 37.79 35.17
CA PRO A 126 -29.52 38.69 34.28
C PRO A 126 -29.58 38.09 32.89
N SER A 127 -30.62 38.40 32.12
CA SER A 127 -30.81 37.84 30.78
C SER A 127 -29.65 38.11 29.79
N LYS A 128 -28.87 39.17 30.03
CA LYS A 128 -27.68 39.44 29.19
C LYS A 128 -26.66 38.29 29.20
N LEU A 129 -26.60 37.55 30.30
CA LEU A 129 -25.66 36.43 30.43
C LEU A 129 -25.99 35.26 29.52
N LEU A 130 -27.16 35.29 28.88
CA LEU A 130 -27.57 34.21 27.99
C LEU A 130 -26.93 34.28 26.61
N ALA A 131 -26.33 35.40 26.25
CA ALA A 131 -25.76 35.56 24.92
C ALA A 131 -24.72 34.46 24.70
N SER A 132 -24.72 33.90 23.50
CA SER A 132 -23.87 32.77 23.09
C SER A 132 -24.32 31.38 23.56
N LEU A 133 -25.40 31.31 24.33
CA LEU A 133 -25.98 30.02 24.72
C LEU A 133 -27.04 29.63 23.70
N PRO A 134 -27.44 28.37 23.69
CA PRO A 134 -28.44 27.90 22.73
C PRO A 134 -29.78 28.61 22.88
N ARG A 135 -30.49 28.73 21.78
CA ARG A 135 -31.86 29.19 21.82
C ARG A 135 -32.65 28.29 22.74
N GLY A 136 -33.41 28.89 23.65
CA GLY A 136 -34.22 28.14 24.58
C GLY A 136 -33.55 27.79 25.88
N SER A 137 -32.24 28.02 25.97
CA SER A 137 -31.52 27.83 27.22
C SER A 137 -31.69 29.07 28.08
N THR A 138 -31.85 28.85 29.38
CA THR A 138 -31.96 29.95 30.32
C THR A 138 -30.81 29.94 31.29
N GLY A 139 -29.81 29.09 31.06
CA GLY A 139 -28.67 29.09 31.94
C GLY A 139 -27.73 27.92 31.76
N VAL A 140 -26.96 27.67 32.81
CA VAL A 140 -25.87 26.69 32.80
C VAL A 140 -26.02 25.72 33.95
N ALA A 141 -25.93 24.43 33.66
CA ALA A 141 -25.84 23.39 34.67
C ALA A 141 -24.37 23.03 34.86
N GLY A 142 -23.76 23.54 35.92
CA GLY A 142 -22.38 23.16 36.25
C GLY A 142 -22.29 21.73 36.72
N LEU A 143 -21.37 20.95 36.14
CA LEU A 143 -21.20 19.54 36.50
C LEU A 143 -19.81 19.30 37.06
N ALA A 144 -19.16 20.36 37.55
CA ALA A 144 -17.85 20.23 38.18
C ALA A 144 -17.97 19.57 39.54
N ASN A 145 -16.84 19.16 40.10
CA ASN A 145 -16.77 18.55 41.42
C ASN A 145 -16.75 19.62 42.51
N SER A 146 -17.91 20.17 42.82
CA SER A 146 -18.06 21.12 43.93
C SER A 146 -19.48 21.11 44.48
N GLY A 147 -19.64 21.63 45.68
CA GLY A 147 -20.84 21.37 46.46
C GLY A 147 -22.15 21.91 45.91
N LEU A 148 -22.09 22.96 45.10
CA LEU A 148 -23.30 23.54 44.52
C LEU A 148 -23.46 23.21 43.02
N ALA A 149 -22.59 22.38 42.46
CA ALA A 149 -22.81 21.90 41.10
C ALA A 149 -24.01 20.96 41.09
N LEU A 150 -24.59 20.73 39.92
CA LEU A 150 -25.80 19.91 39.83
C LEU A 150 -25.68 18.48 40.39
N PRO A 151 -24.62 17.73 40.07
CA PRO A 151 -24.48 16.36 40.57
C PRO A 151 -24.44 16.30 42.09
N ALA A 152 -23.67 17.19 42.71
CA ALA A 152 -23.58 17.22 44.17
C ALA A 152 -24.94 17.56 44.78
N GLN A 153 -25.66 18.50 44.17
CA GLN A 153 -26.98 18.90 44.69
C GLN A 153 -28.03 17.82 44.50
N VAL A 154 -27.97 17.09 43.38
CA VAL A 154 -28.88 15.96 43.19
C VAL A 154 -28.56 14.86 44.21
N ALA A 155 -27.28 14.66 44.50
CA ALA A 155 -26.87 13.63 45.43
C ALA A 155 -27.46 13.87 46.84
N SER A 156 -27.41 15.10 47.30
CA SER A 156 -27.95 15.41 48.64
C SER A 156 -29.49 15.45 48.66
N ALA A 157 -30.12 15.98 47.62
CA ALA A 157 -31.57 16.14 47.61
C ALA A 157 -32.32 14.83 47.33
N GLN A 158 -31.80 14.04 46.41
CA GLN A 158 -32.41 12.78 45.99
C GLN A 158 -31.83 11.59 46.76
N LYS A 159 -30.84 11.84 47.62
CA LYS A 159 -30.17 10.80 48.43
C LYS A 159 -29.57 9.69 47.57
N VAL A 160 -28.79 10.14 46.59
CA VAL A 160 -28.10 9.26 45.65
C VAL A 160 -26.60 9.59 45.71
N ALA A 161 -25.81 8.97 44.86
CA ALA A 161 -24.36 9.11 44.94
C ALA A 161 -23.87 10.39 44.31
N ASN A 162 -22.75 10.89 44.81
CA ASN A 162 -22.03 12.02 44.25
C ASN A 162 -21.26 11.54 43.01
N ARG A 163 -22.01 11.31 41.96
CA ARG A 163 -21.52 10.62 40.78
C ARG A 163 -22.52 10.86 39.66
N PHE A 164 -22.03 11.02 38.43
CA PHE A 164 -22.95 11.16 37.30
C PHE A 164 -22.41 10.48 36.06
N LEU A 165 -23.34 10.22 35.14
CA LEU A 165 -23.02 9.59 33.87
C LEU A 165 -23.40 10.52 32.73
N LEU A 166 -22.50 10.65 31.76
CA LEU A 166 -22.79 11.36 30.52
C LEU A 166 -22.64 10.45 29.32
N CYS A 167 -23.61 10.54 28.42
CA CYS A 167 -23.50 9.94 27.09
C CYS A 167 -23.90 11.06 26.12
N LEU A 168 -22.92 11.85 25.72
CA LEU A 168 -23.16 13.02 24.87
C LEU A 168 -23.38 12.57 23.44
N PRO A 169 -24.43 13.05 22.81
CA PRO A 169 -24.77 12.63 21.43
C PRO A 169 -24.11 13.47 20.35
N THR A 170 -23.95 12.91 19.15
CA THR A 170 -23.66 13.70 17.94
C THR A 170 -24.93 14.32 17.39
N GLY A 171 -26.06 13.77 17.79
CA GLY A 171 -27.39 14.10 17.28
C GLY A 171 -28.38 13.10 17.85
N GLY A 172 -29.64 13.50 17.94
CA GLY A 172 -30.65 12.75 18.66
C GLY A 172 -30.41 12.87 20.17
N PRO A 173 -31.31 12.31 20.98
CA PRO A 173 -31.20 12.46 22.44
C PRO A 173 -30.17 11.54 23.11
N GLY A 174 -29.16 12.14 23.71
CA GLY A 174 -28.24 11.45 24.58
C GLY A 174 -28.73 11.34 26.01
N VAL A 175 -27.81 11.04 26.91
CA VAL A 175 -28.17 10.62 28.25
C VAL A 175 -27.29 11.30 29.29
N ALA A 176 -27.93 11.80 30.34
CA ALA A 176 -27.26 12.23 31.57
C ALA A 176 -28.00 11.60 32.75
N ILE A 177 -27.27 10.92 33.63
CA ILE A 177 -27.86 10.32 34.83
C ILE A 177 -27.10 10.79 36.04
N PHE A 178 -27.81 11.40 36.98
CA PHE A 178 -27.21 11.90 38.22
C PHE A 178 -27.56 11.00 39.40
N GLY A 179 -26.55 10.34 39.95
CA GLY A 179 -26.74 9.55 41.18
C GLY A 179 -26.13 8.16 41.23
N GLY A 180 -25.49 7.72 40.15
CA GLY A 180 -24.81 6.44 40.18
C GLY A 180 -25.69 5.21 40.00
N GLY A 181 -25.30 4.11 40.66
CA GLY A 181 -25.86 2.80 40.38
C GLY A 181 -24.99 2.08 39.37
N PRO A 182 -25.26 0.81 39.09
CA PRO A 182 -24.52 0.09 38.05
C PRO A 182 -24.61 0.82 36.71
N VAL A 183 -23.50 0.80 35.98
CA VAL A 183 -23.44 1.47 34.69
C VAL A 183 -24.34 0.68 33.74
N PRO A 184 -25.30 1.33 33.08
CA PRO A 184 -26.19 0.62 32.16
C PRO A 184 -25.48 0.23 30.85
N TRP A 185 -26.22 -0.49 30.00
CA TRP A 185 -25.73 -0.99 28.73
C TRP A 185 -24.45 -1.85 28.86
N PRO A 186 -24.51 -2.95 29.61
CA PRO A 186 -23.31 -3.78 29.84
C PRO A 186 -22.73 -4.36 28.52
N GLN A 187 -23.56 -4.47 27.50
CA GLN A 187 -23.11 -4.87 26.17
C GLN A 187 -22.02 -3.96 25.64
N PHE A 188 -22.04 -2.71 26.09
CA PHE A 188 -21.02 -1.72 25.75
C PHE A 188 -20.11 -1.30 26.90
N THR A 189 -20.52 -1.51 28.15
CA THR A 189 -19.77 -0.95 29.29
C THR A 189 -19.25 -1.98 30.29
N GLN A 190 -19.49 -3.27 30.06
CA GLN A 190 -19.10 -4.28 31.03
C GLN A 190 -17.60 -4.28 31.27
N SER A 191 -16.83 -3.91 30.26
CA SER A 191 -15.38 -3.86 30.40
C SER A 191 -14.87 -2.41 30.52
N MET A 192 -15.71 -1.52 31.03
CA MET A 192 -15.38 -0.10 31.12
C MET A 192 -14.03 0.11 31.82
N PRO A 193 -13.08 0.76 31.17
CA PRO A 193 -11.84 1.14 31.86
C PRO A 193 -12.03 2.36 32.76
N TYR A 194 -11.23 2.42 33.82
CA TYR A 194 -11.26 3.55 34.76
C TYR A 194 -9.87 4.16 34.87
N THR A 195 -9.86 5.45 35.11
CA THR A 195 -8.64 6.18 35.41
C THR A 195 -8.96 7.13 36.56
N PRO A 196 -8.01 7.40 37.45
CA PRO A 196 -8.28 8.30 38.57
C PRO A 196 -8.65 9.73 38.18
N LEU A 197 -9.61 10.29 38.92
CA LEU A 197 -9.89 11.69 38.83
C LEU A 197 -8.96 12.41 39.79
N VAL A 198 -8.26 13.42 39.27
CA VAL A 198 -7.27 14.19 40.01
C VAL A 198 -7.85 15.55 40.39
N THR A 199 -7.83 15.87 41.68
CA THR A 199 -8.29 17.16 42.17
C THR A 199 -7.12 18.13 42.11
N LYS A 200 -7.31 19.26 41.43
CA LYS A 200 -6.28 20.30 41.30
C LYS A 200 -6.64 21.50 42.18
N GLY A 201 -5.63 22.08 42.80
CA GLY A 201 -5.81 23.21 43.70
C GLY A 201 -6.39 24.40 42.97
N GLY A 202 -7.44 24.97 43.54
CA GLY A 202 -8.05 26.17 42.98
C GLY A 202 -9.04 25.91 41.87
N SER A 203 -9.28 24.64 41.53
CA SER A 203 -10.21 24.29 40.46
C SER A 203 -11.16 23.15 40.88
N PRO A 204 -12.43 23.27 40.50
CA PRO A 204 -13.41 22.21 40.70
C PRO A 204 -13.49 21.26 39.51
N ALA A 205 -12.69 21.49 38.48
CA ALA A 205 -12.85 20.74 37.23
C ALA A 205 -12.38 19.29 37.39
N HIS A 206 -12.77 18.47 36.40
CA HIS A 206 -12.38 17.08 36.32
C HIS A 206 -11.08 16.94 35.52
N TYR A 207 -10.07 16.35 36.15
CA TYR A 207 -8.77 16.14 35.51
C TYR A 207 -8.40 14.64 35.58
N ILE A 208 -7.71 14.18 34.56
CA ILE A 208 -7.18 12.84 34.53
C ILE A 208 -5.73 12.93 34.02
N SER A 209 -5.03 11.81 33.99
CA SER A 209 -3.61 11.82 33.66
C SER A 209 -3.31 10.96 32.44
N ALA A 210 -2.80 11.59 31.39
CA ALA A 210 -2.24 10.86 30.26
C ALA A 210 -0.72 10.79 30.41
N ARG A 211 -0.17 9.59 30.21
CA ARG A 211 1.27 9.37 30.30
C ARG A 211 1.90 9.34 28.92
N SER A 212 1.07 9.16 27.89
CA SER A 212 1.51 9.21 26.51
C SER A 212 0.42 9.67 25.56
N ILE A 213 0.85 10.17 24.40
CA ILE A 213 -0.05 10.44 23.27
C ILE A 213 0.53 9.76 22.04
N VAL A 214 -0.32 9.07 21.28
CA VAL A 214 0.12 8.29 20.14
C VAL A 214 -0.67 8.77 18.93
N VAL A 215 0.04 9.03 17.83
CA VAL A 215 -0.59 9.30 16.56
C VAL A 215 -0.28 8.10 15.65
N GLY A 216 -1.31 7.46 15.13
CA GLY A 216 -1.16 6.17 14.46
C GLY A 216 -0.67 5.11 15.44
N ASP A 217 0.51 4.56 15.19
CA ASP A 217 1.14 3.63 16.12
C ASP A 217 2.42 4.21 16.72
N THR A 218 2.62 5.52 16.57
CA THR A 218 3.86 6.18 16.94
C THR A 218 3.68 7.22 18.05
N ARG A 219 4.37 7.01 19.16
CA ARG A 219 4.29 7.91 20.29
C ARG A 219 4.80 9.28 19.90
N VAL A 220 4.07 10.31 20.31
CA VAL A 220 4.43 11.69 20.02
C VAL A 220 5.53 12.09 21.01
N PRO A 221 6.67 12.55 20.51
CA PRO A 221 7.76 12.95 21.38
C PRO A 221 7.39 14.27 22.05
N VAL A 222 7.21 14.23 23.36
CA VAL A 222 6.94 15.44 24.11
C VAL A 222 8.08 15.66 25.08
N PRO A 223 8.36 16.91 25.44
CA PRO A 223 9.40 17.20 26.45
C PRO A 223 9.19 16.46 27.77
N GLU A 224 10.26 16.32 28.53
CA GLU A 224 10.22 15.66 29.82
C GLU A 224 9.29 16.44 30.75
N GLY A 225 8.37 15.74 31.39
CA GLY A 225 7.45 16.35 32.33
C GLY A 225 6.25 17.04 31.70
N ALA A 226 6.16 17.09 30.37
CA ALA A 226 5.05 17.75 29.69
C ALA A 226 3.69 17.14 30.07
N LEU A 227 3.63 15.82 30.10
CA LEU A 227 2.44 15.10 30.49
C LEU A 227 2.58 14.70 31.95
N ALA A 228 1.79 15.35 32.79
CA ALA A 228 1.90 15.22 34.23
C ALA A 228 0.59 14.75 34.82
N THR A 229 0.63 14.45 36.10
CA THR A 229 -0.56 14.07 36.83
C THR A 229 -1.60 15.19 36.78
N GLY A 230 -2.83 14.83 36.43
CA GLY A 230 -3.90 15.79 36.25
C GLY A 230 -3.77 16.68 35.03
N GLY A 231 -2.98 16.25 34.06
CA GLY A 231 -2.63 17.07 32.91
C GLY A 231 -3.69 17.14 31.81
N VAL A 232 -4.73 16.33 31.91
CA VAL A 232 -5.82 16.33 30.94
C VAL A 232 -7.09 16.79 31.66
N MET A 233 -7.69 17.87 31.20
CA MET A 233 -8.96 18.39 31.72
C MET A 233 -10.08 18.00 30.77
N LEU A 234 -11.29 17.87 31.30
CA LEU A 234 -12.47 17.59 30.50
C LEU A 234 -13.32 18.84 30.43
N SER A 235 -13.88 19.10 29.24
CA SER A 235 -14.64 20.31 29.00
C SER A 235 -15.76 20.11 28.00
N THR A 236 -16.93 20.70 28.27
CA THR A 236 -18.02 20.75 27.30
C THR A 236 -18.21 22.14 26.71
N ARG A 237 -17.24 23.02 26.91
CA ARG A 237 -17.34 24.42 26.46
C ARG A 237 -17.03 24.59 24.99
N LEU A 238 -16.16 23.74 24.48
CA LEU A 238 -15.75 23.78 23.09
C LEU A 238 -15.92 22.38 22.52
N PRO A 239 -16.17 22.27 21.21
CA PRO A 239 -16.25 20.95 20.59
C PRO A 239 -14.89 20.30 20.33
N TYR A 240 -13.82 21.10 20.33
CA TYR A 240 -12.50 20.63 19.98
C TYR A 240 -11.55 20.56 21.18
N VAL A 241 -10.40 19.95 20.93
CA VAL A 241 -9.36 19.82 21.92
C VAL A 241 -8.48 21.07 21.94
N LEU A 242 -8.16 21.56 23.13
CA LEU A 242 -7.11 22.55 23.32
C LEU A 242 -5.81 21.89 23.76
N LEU A 243 -4.71 22.32 23.16
CA LEU A 243 -3.39 21.77 23.45
C LEU A 243 -2.44 22.89 23.86
N ARG A 244 -1.79 22.71 24.99
CA ARG A 244 -0.74 23.61 25.43
C ARG A 244 0.38 23.59 24.35
N PRO A 245 1.03 24.72 24.08
CA PRO A 245 1.93 24.81 22.92
C PRO A 245 3.04 23.75 22.78
N ASP A 246 3.62 23.34 23.91
CA ASP A 246 4.65 22.30 23.91
C ASP A 246 4.15 20.94 23.44
N VAL A 247 2.85 20.69 23.57
CA VAL A 247 2.22 19.47 23.05
C VAL A 247 1.61 19.69 21.66
N TYR A 248 1.04 20.87 21.44
CA TYR A 248 0.44 21.22 20.16
C TYR A 248 1.41 20.97 18.99
N ARG A 249 2.61 21.51 19.09
CA ARG A 249 3.57 21.47 17.98
C ARG A 249 3.91 20.04 17.54
N PRO A 250 4.42 19.17 18.41
CA PRO A 250 4.71 17.78 18.01
C PRO A 250 3.50 16.94 17.63
N LEU A 251 2.36 17.14 18.30
CA LEU A 251 1.16 16.38 17.97
C LEU A 251 0.64 16.82 16.60
N MET A 252 0.52 18.12 16.36
CA MET A 252 0.02 18.55 15.04
C MET A 252 1.00 18.16 13.91
N ASP A 253 2.31 18.31 14.14
CA ASP A 253 3.27 17.90 13.13
C ASP A 253 3.15 16.42 12.81
N ALA A 254 2.97 15.57 13.82
CA ALA A 254 2.81 14.14 13.59
C ALA A 254 1.52 13.84 12.79
N PHE A 255 0.45 14.57 13.12
CA PHE A 255 -0.86 14.36 12.52
C PHE A 255 -0.83 14.78 11.07
N THR A 256 -0.29 15.95 10.80
CA THR A 256 -0.30 16.46 9.42
C THR A 256 0.65 15.67 8.53
N LYS A 257 1.77 15.21 9.08
CA LYS A 257 2.71 14.39 8.32
C LYS A 257 2.06 13.05 7.96
N ALA A 258 1.44 12.40 8.94
CA ALA A 258 0.81 11.10 8.70
C ALA A 258 -0.34 11.25 7.72
N LEU A 259 -1.14 12.30 7.88
CA LEU A 259 -2.28 12.54 6.99
C LEU A 259 -1.80 12.78 5.54
N ALA A 260 -0.72 13.53 5.39
CA ALA A 260 -0.15 13.82 4.08
C ALA A 260 0.36 12.57 3.36
N ALA A 261 0.71 11.53 4.13
CA ALA A 261 1.32 10.31 3.60
C ALA A 261 0.32 9.21 3.24
N GLN A 262 -0.95 9.44 3.49
CA GLN A 262 -2.00 8.51 3.08
C GLN A 262 -2.32 8.70 1.57
N GLY A 266 -5.66 5.36 -5.72
CA GLY A 266 -5.31 6.54 -6.49
C GLY A 266 -6.13 7.74 -6.05
N ALA A 267 -6.66 7.65 -4.83
CA ALA A 267 -7.56 8.67 -4.28
C ALA A 267 -6.79 9.98 -4.04
N PRO A 268 -7.53 11.08 -3.93
CA PRO A 268 -6.90 12.37 -3.63
C PRO A 268 -6.00 12.34 -2.40
N VAL A 269 -4.93 13.12 -2.46
CA VAL A 269 -4.04 13.28 -1.32
C VAL A 269 -4.54 14.51 -0.57
N ALA A 270 -4.45 14.49 0.75
CA ALA A 270 -5.02 15.56 1.57
C ALA A 270 -4.45 16.92 1.16
N ARG A 271 -5.33 17.90 1.03
CA ARG A 271 -4.94 19.24 0.60
C ARG A 271 -5.38 20.23 1.68
N ALA A 272 -4.42 20.92 2.29
CA ALA A 272 -4.72 21.97 3.25
C ALA A 272 -5.33 23.17 2.58
N VAL A 273 -6.21 23.84 3.33
CA VAL A 273 -6.86 25.05 2.85
C VAL A 273 -6.77 26.11 3.93
N GLU A 274 -7.16 27.34 3.57
CA GLU A 274 -7.12 28.43 4.53
C GLU A 274 -7.93 28.03 5.77
N ALA A 275 -7.35 28.29 6.95
CA ALA A 275 -8.00 27.94 8.20
C ALA A 275 -9.26 28.77 8.42
N VAL A 276 -10.24 28.14 9.05
CA VAL A 276 -11.47 28.79 9.46
C VAL A 276 -11.41 28.92 10.97
N ALA A 277 -11.52 30.15 11.48
CA ALA A 277 -11.41 30.41 12.91
C ALA A 277 -12.52 29.63 13.62
N PRO A 278 -12.25 29.08 14.80
CA PRO A 278 -11.01 29.24 15.58
C PRO A 278 -9.87 28.22 15.32
N PHE A 279 -10.00 27.43 14.26
CA PHE A 279 -9.04 26.36 13.98
C PHE A 279 -7.79 26.86 13.29
N GLY A 280 -6.72 26.08 13.41
CA GLY A 280 -5.44 26.43 12.79
C GLY A 280 -5.06 25.61 11.58
N VAL A 281 -5.64 24.42 11.43
CA VAL A 281 -5.29 23.50 10.34
C VAL A 281 -6.58 22.87 9.79
N CYS A 282 -6.83 23.12 8.50
CA CYS A 282 -8.06 22.72 7.83
C CYS A 282 -7.77 22.17 6.44
N TYR A 283 -8.64 21.26 6.01
CA TYR A 283 -8.48 20.50 4.77
C TYR A 283 -9.72 20.55 3.88
N ASP A 284 -9.49 20.42 2.58
CA ASP A 284 -10.52 20.20 1.57
C ASP A 284 -11.11 18.81 1.79
N THR A 285 -12.40 18.74 2.08
CA THR A 285 -13.00 17.45 2.42
C THR A 285 -13.04 16.45 1.24
N LYS A 286 -12.96 16.97 0.02
CA LYS A 286 -12.84 16.12 -1.17
C LYS A 286 -11.54 15.31 -1.17
N THR A 287 -10.58 15.71 -0.35
CA THR A 287 -9.27 15.06 -0.32
C THR A 287 -9.09 14.19 0.93
N LEU A 288 -10.18 13.96 1.68
CA LEU A 288 -10.17 13.08 2.83
C LEU A 288 -11.07 11.86 2.57
N GLY A 289 -10.58 10.70 2.95
CA GLY A 289 -11.35 9.48 2.85
C GLY A 289 -12.19 9.32 4.08
N ASN A 290 -12.86 8.17 4.16
CA ASN A 290 -13.55 7.78 5.38
C ASN A 290 -13.53 6.28 5.64
N ASN A 291 -13.83 5.94 6.87
CA ASN A 291 -13.94 4.56 7.34
C ASN A 291 -14.99 4.54 8.46
N LEU A 292 -15.17 3.42 9.13
CA LEU A 292 -16.26 3.30 10.10
C LEU A 292 -16.10 4.21 11.33
N GLY A 293 -14.93 4.79 11.54
CA GLY A 293 -14.66 5.73 12.62
C GLY A 293 -14.81 7.19 12.25
N GLY A 294 -15.13 7.48 10.99
CA GLY A 294 -15.24 8.83 10.48
C GLY A 294 -14.22 9.13 9.41
N TYR A 295 -13.83 10.40 9.28
CA TYR A 295 -12.83 10.75 8.29
C TYR A 295 -11.59 9.88 8.50
N ALA A 296 -10.94 9.54 7.39
CA ALA A 296 -9.78 8.65 7.39
C ALA A 296 -8.53 9.49 7.59
N VAL A 297 -8.33 9.84 8.84
CA VAL A 297 -7.21 10.62 9.31
C VAL A 297 -6.52 9.79 10.40
N PRO A 298 -5.29 10.15 10.75
CA PRO A 298 -4.55 9.37 11.74
C PRO A 298 -5.27 9.26 13.07
N ASN A 299 -5.41 8.05 13.61
CA ASN A 299 -5.93 7.82 14.94
C ASN A 299 -5.06 8.48 15.98
N VAL A 300 -5.66 9.02 17.03
CA VAL A 300 -4.91 9.58 18.14
C VAL A 300 -5.40 8.87 19.39
N GLN A 301 -4.48 8.44 20.25
CA GLN A 301 -4.77 7.75 21.53
C GLN A 301 -4.06 8.46 22.68
N LEU A 302 -4.74 8.65 23.80
CA LEU A 302 -4.11 9.11 25.03
C LEU A 302 -4.00 7.90 25.95
N GLY A 303 -2.78 7.51 26.30
CA GLY A 303 -2.57 6.42 27.26
C GLY A 303 -2.78 6.93 28.66
N LEU A 304 -3.85 6.50 29.32
CA LEU A 304 -4.21 7.05 30.63
C LEU A 304 -3.74 6.13 31.76
N ASP A 305 -3.50 6.72 32.92
CA ASP A 305 -3.25 5.97 34.14
C ASP A 305 -4.31 4.89 34.29
N GLY A 306 -3.87 3.67 34.63
CA GLY A 306 -4.76 2.52 34.69
C GLY A 306 -4.56 1.54 33.54
N GLY A 307 -3.87 1.99 32.48
CA GLY A 307 -3.45 1.13 31.38
C GLY A 307 -4.33 1.07 30.13
N SER A 308 -5.41 1.85 30.10
CA SER A 308 -6.30 1.86 28.94
C SER A 308 -6.10 3.16 28.17
N ASP A 309 -6.54 3.19 26.92
CA ASP A 309 -6.40 4.36 26.06
C ASP A 309 -7.72 4.98 25.78
N TRP A 310 -7.71 6.31 25.71
CA TRP A 310 -8.86 7.11 25.25
C TRP A 310 -8.60 7.34 23.77
N THR A 311 -9.46 6.81 22.90
CA THR A 311 -9.19 6.88 21.45
C THR A 311 -9.96 8.00 20.79
N MET A 312 -9.36 8.57 19.75
CA MET A 312 -9.98 9.55 18.86
C MET A 312 -9.86 8.99 17.45
N THR A 313 -10.98 9.00 16.73
CA THR A 313 -11.02 8.70 15.31
C THR A 313 -11.49 9.97 14.61
N GLY A 314 -11.72 9.89 13.31
CA GLY A 314 -12.10 11.07 12.53
C GLY A 314 -13.32 11.82 13.05
N LYS A 315 -14.30 11.09 13.60
CA LYS A 315 -15.49 11.73 14.17
C LYS A 315 -15.18 12.60 15.38
N ASN A 316 -14.02 12.38 16.00
CA ASN A 316 -13.56 13.09 17.18
C ASN A 316 -12.47 14.11 16.86
N SER A 317 -11.71 13.89 15.79
CA SER A 317 -10.50 14.69 15.53
C SER A 317 -10.66 15.68 14.40
N MET A 318 -11.82 15.63 13.73
CA MET A 318 -12.12 16.53 12.63
C MET A 318 -13.52 17.12 12.81
N VAL A 319 -13.61 18.41 12.53
CA VAL A 319 -14.86 19.15 12.60
C VAL A 319 -15.24 19.70 11.22
N ASP A 320 -16.43 19.35 10.76
CA ASP A 320 -16.99 19.94 9.54
C ASP A 320 -17.44 21.37 9.82
N VAL A 321 -16.82 22.35 9.16
CA VAL A 321 -17.07 23.76 9.48
C VAL A 321 -17.93 24.46 8.46
N LYS A 322 -17.77 24.08 7.19
CA LYS A 322 -18.59 24.58 6.10
C LYS A 322 -18.44 23.64 4.91
N GLN A 323 -19.35 23.71 3.96
CA GLN A 323 -19.24 22.87 2.76
C GLN A 323 -17.83 22.96 2.19
N GLY A 324 -17.21 21.78 2.07
CA GLY A 324 -15.90 21.66 1.45
C GLY A 324 -14.70 21.70 2.37
N THR A 325 -14.90 22.05 3.66
CA THR A 325 -13.81 22.28 4.61
C THR A 325 -14.07 21.57 5.92
N ALA A 326 -13.07 20.81 6.38
CA ALA A 326 -13.08 20.22 7.70
C ALA A 326 -11.77 20.56 8.37
N CYS A 327 -11.83 20.84 9.65
CA CYS A 327 -10.70 21.32 10.42
C CYS A 327 -10.27 20.33 11.47
N VAL A 328 -8.97 20.28 11.70
CA VAL A 328 -8.41 19.43 12.72
C VAL A 328 -8.81 19.95 14.10
N ALA A 329 -9.35 19.07 14.94
CA ALA A 329 -9.95 19.46 16.21
C ALA A 329 -8.92 19.52 17.33
N PHE A 330 -7.69 19.90 16.99
CA PHE A 330 -6.65 20.23 17.96
C PHE A 330 -6.28 21.67 17.72
N VAL A 331 -6.53 22.51 18.71
CA VAL A 331 -6.31 23.95 18.63
C VAL A 331 -5.34 24.37 19.74
N GLU A 332 -4.38 25.21 19.38
CA GLU A 332 -3.35 25.65 20.33
C GLU A 332 -3.93 26.63 21.33
N MET A 333 -3.62 26.43 22.61
CA MET A 333 -4.02 27.37 23.64
C MET A 333 -3.35 28.70 23.39
N LYS A 334 -4.09 29.79 23.65
CA LYS A 334 -3.54 31.13 23.64
C LYS A 334 -3.32 31.56 25.09
N GLY A 335 -2.36 32.47 25.29
CA GLY A 335 -2.07 33.02 26.60
C GLY A 335 -1.49 32.04 27.61
N VAL A 336 -0.89 30.96 27.11
CA VAL A 336 -0.27 29.96 27.96
C VAL A 336 1.07 29.62 27.33
N ALA A 337 2.15 29.86 28.06
CA ALA A 337 3.47 29.50 27.56
C ALA A 337 3.64 27.99 27.42
N ALA A 338 4.39 27.58 26.40
CA ALA A 338 4.85 26.21 26.24
C ALA A 338 5.48 25.71 27.55
N GLY A 339 5.04 24.54 27.99
CA GLY A 339 5.60 23.86 29.15
C GLY A 339 5.13 24.40 30.50
N ASP A 340 4.09 25.22 30.52
CA ASP A 340 3.60 25.80 31.77
C ASP A 340 2.72 24.79 32.50
N GLY A 341 3.30 24.14 33.51
CA GLY A 341 2.63 23.09 34.27
C GLY A 341 1.42 23.48 35.09
N ARG A 342 1.14 24.78 35.23
CA ARG A 342 -0.09 25.23 35.89
C ARG A 342 -1.30 25.02 35.01
N ALA A 343 -1.09 25.04 33.70
CA ALA A 343 -2.14 24.75 32.73
C ALA A 343 -2.17 23.25 32.34
N PRO A 344 -3.32 22.71 31.98
CA PRO A 344 -3.37 21.34 31.46
C PRO A 344 -2.58 21.24 30.15
N ALA A 345 -2.03 20.08 29.88
CA ALA A 345 -1.44 19.79 28.56
C ALA A 345 -2.52 19.71 27.49
N VAL A 346 -3.65 19.13 27.88
CA VAL A 346 -4.72 18.75 26.96
C VAL A 346 -6.06 19.10 27.62
N ILE A 347 -6.95 19.77 26.89
CA ILE A 347 -8.33 19.88 27.34
C ILE A 347 -9.22 19.21 26.31
N LEU A 348 -9.73 18.04 26.66
CA LEU A 348 -10.67 17.33 25.79
C LEU A 348 -12.00 18.05 25.78
N GLY A 349 -12.61 18.10 24.60
CA GLY A 349 -13.87 18.80 24.39
C GLY A 349 -15.01 17.87 23.98
N GLY A 350 -16.09 18.48 23.54
CA GLY A 350 -17.35 17.79 23.40
C GLY A 350 -17.30 16.67 22.39
N ALA A 351 -16.71 16.92 21.23
CA ALA A 351 -16.72 15.91 20.18
C ALA A 351 -15.78 14.74 20.46
N GLN A 352 -14.94 14.85 21.49
CA GLN A 352 -14.07 13.75 21.90
C GLN A 352 -14.74 12.93 23.01
N MET A 353 -15.78 13.51 23.63
CA MET A 353 -16.59 12.79 24.61
C MET A 353 -17.85 12.17 24.01
N GLU A 354 -18.25 12.64 22.84
CA GLU A 354 -19.43 12.11 22.15
C GLU A 354 -19.29 10.63 21.95
N ASP A 355 -20.39 9.90 22.12
CA ASP A 355 -20.43 8.47 21.91
C ASP A 355 -19.46 7.69 22.80
N PHE A 356 -19.15 8.27 23.96
CA PHE A 356 -18.54 7.56 25.06
C PHE A 356 -19.56 7.56 26.21
N VAL A 357 -19.65 6.44 26.94
CA VAL A 357 -20.35 6.41 28.20
C VAL A 357 -19.33 6.80 29.25
N LEU A 358 -19.59 7.90 29.95
CA LEU A 358 -18.62 8.42 30.91
C LEU A 358 -19.21 8.38 32.33
N ASP A 359 -18.49 7.74 33.24
CA ASP A 359 -18.93 7.56 34.63
C ASP A 359 -18.04 8.43 35.50
N PHE A 360 -18.51 9.63 35.83
CA PHE A 360 -17.81 10.56 36.70
C PHE A 360 -18.13 10.24 38.18
N ASP A 361 -17.25 9.48 38.81
CA ASP A 361 -17.48 8.99 40.17
C ASP A 361 -16.63 9.80 41.12
N MET A 362 -17.25 10.76 41.79
CA MET A 362 -16.52 11.64 42.70
C MET A 362 -16.44 11.07 44.13
N GLU A 363 -17.09 9.94 44.36
CA GLU A 363 -16.90 9.18 45.60
C GLU A 363 -15.65 8.29 45.54
N LYS A 364 -15.55 7.45 44.52
CA LYS A 364 -14.36 6.65 44.28
C LYS A 364 -13.23 7.44 43.59
N LYS A 365 -13.50 8.69 43.21
CA LYS A 365 -12.55 9.59 42.55
C LYS A 365 -11.95 8.94 41.31
N ARG A 366 -12.81 8.47 40.43
CA ARG A 366 -12.36 7.86 39.18
C ARG A 366 -13.33 8.14 38.05
N LEU A 367 -12.82 8.13 36.82
CA LEU A 367 -13.62 8.33 35.62
C LEU A 367 -13.60 7.06 34.78
N GLY A 368 -14.77 6.50 34.53
CA GLY A 368 -14.93 5.38 33.62
C GLY A 368 -15.22 5.92 32.24
N PHE A 369 -14.59 5.34 31.23
CA PHE A 369 -14.72 5.85 29.87
C PHE A 369 -14.87 4.69 28.87
N SER A 370 -16.11 4.41 28.44
CA SER A 370 -16.38 3.35 27.47
C SER A 370 -16.78 3.94 26.13
N ARG A 371 -15.87 3.85 25.17
CA ARG A 371 -16.19 4.25 23.82
C ARG A 371 -17.17 3.24 23.25
N LEU A 372 -18.31 3.73 22.79
CA LEU A 372 -19.29 2.89 22.11
C LEU A 372 -18.74 2.38 20.79
N PRO A 373 -19.13 1.17 20.39
CA PRO A 373 -18.71 0.65 19.09
C PRO A 373 -19.43 1.41 17.97
N HIS A 374 -18.94 1.26 16.75
CA HIS A 374 -19.31 2.16 15.64
C HIS A 374 -20.80 2.09 15.29
N PHE A 375 -21.46 0.95 15.52
CA PHE A 375 -22.83 0.74 15.06
C PHE A 375 -23.87 1.36 16.00
N THR A 376 -23.44 1.93 17.12
CA THR A 376 -24.37 2.58 18.01
C THR A 376 -23.83 3.95 18.39
N GLY A 377 -24.41 4.57 19.40
CA GLY A 377 -23.96 5.87 19.85
C GLY A 377 -24.89 6.37 20.94
N CYS A 378 -24.56 7.52 21.54
CA CYS A 378 -25.37 8.05 22.61
C CYS A 378 -26.75 8.49 22.18
N GLY A 379 -26.86 9.07 20.98
CA GLY A 379 -28.14 9.48 20.44
C GLY A 379 -29.07 8.30 20.26
N GLY A 380 -30.24 8.38 20.88
CA GLY A 380 -31.20 7.28 20.88
C GLY A 380 -30.87 6.10 21.77
N LEU A 381 -29.80 6.18 22.58
CA LEU A 381 -29.40 5.05 23.44
C LEU A 381 -30.37 4.84 24.60
N LEU B 1 36.47 -25.72 -33.48
CA LEU B 1 35.65 -25.17 -32.36
C LEU B 1 34.63 -24.16 -32.91
N PRO B 2 33.58 -23.87 -32.14
CA PRO B 2 32.64 -22.80 -32.51
C PRO B 2 33.32 -21.45 -32.66
N VAL B 3 32.66 -20.52 -33.34
CA VAL B 3 33.21 -19.24 -33.68
C VAL B 3 32.54 -18.12 -32.87
N LEU B 4 33.36 -17.26 -32.29
CA LEU B 4 32.92 -16.22 -31.36
C LEU B 4 33.13 -14.84 -31.97
N ALA B 5 32.10 -14.00 -31.88
CA ALA B 5 32.26 -12.60 -32.27
C ALA B 5 31.60 -11.69 -31.23
N PRO B 6 32.21 -10.54 -30.91
CA PRO B 6 31.57 -9.61 -29.98
C PRO B 6 30.45 -8.86 -30.68
N VAL B 7 29.41 -8.53 -29.92
CA VAL B 7 28.21 -7.88 -30.41
C VAL B 7 28.12 -6.46 -29.85
N THR B 8 27.95 -5.48 -30.73
CA THR B 8 27.77 -4.10 -30.33
C THR B 8 26.36 -3.65 -30.63
N LYS B 9 25.71 -3.01 -29.65
CA LYS B 9 24.49 -2.28 -29.92
C LYS B 9 24.85 -0.87 -30.33
N ASP B 10 24.50 -0.51 -31.56
CA ASP B 10 24.81 0.82 -32.10
C ASP B 10 23.90 1.87 -31.46
N PRO B 11 24.43 2.89 -30.79
CA PRO B 11 23.56 3.87 -30.13
C PRO B 11 22.54 4.54 -31.04
N ALA B 12 22.95 4.99 -32.22
CA ALA B 12 22.06 5.78 -33.08
C ALA B 12 20.89 5.00 -33.68
N THR B 13 21.11 3.73 -34.04
CA THR B 13 20.10 2.93 -34.73
C THR B 13 19.46 1.84 -33.86
N SER B 14 20.10 1.52 -32.73
CA SER B 14 19.70 0.45 -31.83
C SER B 14 19.88 -0.94 -32.43
N LEU B 15 20.56 -1.03 -33.57
CA LEU B 15 20.79 -2.31 -34.22
C LEU B 15 22.03 -2.96 -33.64
N TYR B 16 22.15 -4.28 -33.80
CA TYR B 16 23.26 -5.03 -33.21
C TYR B 16 24.15 -5.50 -34.36
N THR B 17 25.45 -5.28 -34.21
CA THR B 17 26.43 -5.69 -35.22
C THR B 17 27.52 -6.60 -34.66
N ILE B 18 28.15 -7.35 -35.57
CA ILE B 18 29.39 -8.06 -35.29
C ILE B 18 30.45 -7.64 -36.30
N PRO B 19 31.71 -7.72 -35.93
CA PRO B 19 32.78 -7.47 -36.89
C PRO B 19 32.78 -8.61 -37.88
N PHE B 20 32.95 -8.30 -39.17
CA PHE B 20 32.95 -9.31 -40.20
C PHE B 20 34.38 -9.58 -40.71
N HIS B 21 35.01 -8.51 -41.19
CA HIS B 21 36.43 -8.52 -41.53
C HIS B 21 36.86 -7.08 -41.70
N ASP B 22 38.15 -6.84 -41.93
CA ASP B 22 38.61 -5.56 -42.48
C ASP B 22 37.95 -4.30 -41.90
N GLY B 23 37.66 -4.29 -40.60
CA GLY B 23 36.96 -3.16 -39.99
C GLY B 23 35.47 -3.03 -40.30
N ALA B 24 34.96 -3.76 -41.31
CA ALA B 24 33.53 -3.80 -41.63
C ALA B 24 32.75 -4.62 -40.61
N SER B 25 31.55 -4.16 -40.29
CA SER B 25 30.62 -4.89 -39.45
C SER B 25 29.37 -5.28 -40.24
N LEU B 26 28.66 -6.28 -39.73
CA LEU B 26 27.36 -6.65 -40.29
C LEU B 26 26.30 -6.57 -39.21
N VAL B 27 25.10 -6.20 -39.63
CA VAL B 27 23.93 -6.14 -38.76
C VAL B 27 23.36 -7.53 -38.58
N LEU B 28 23.13 -7.93 -37.34
CA LEU B 28 22.50 -9.20 -37.06
C LEU B 28 21.00 -9.10 -37.32
N ASP B 29 20.51 -9.96 -38.20
CA ASP B 29 19.09 -9.97 -38.56
C ASP B 29 18.60 -11.38 -38.34
N VAL B 30 17.96 -11.64 -37.21
CA VAL B 30 17.60 -13.02 -36.89
C VAL B 30 16.49 -13.61 -37.79
N ALA B 31 15.84 -12.78 -38.60
CA ALA B 31 14.86 -13.28 -39.56
C ALA B 31 15.38 -13.22 -41.00
N GLY B 32 16.62 -12.77 -41.17
CA GLY B 32 17.25 -12.69 -42.48
C GLY B 32 17.84 -14.01 -42.95
N PRO B 33 17.56 -14.41 -44.18
CA PRO B 33 18.08 -15.66 -44.73
C PRO B 33 19.43 -15.58 -45.45
N LEU B 34 19.93 -14.38 -45.70
CA LEU B 34 21.18 -14.21 -46.43
C LEU B 34 22.18 -13.42 -45.64
N VAL B 35 23.45 -13.68 -45.95
CA VAL B 35 24.53 -12.78 -45.61
C VAL B 35 24.73 -11.93 -46.84
N TRP B 36 24.75 -10.62 -46.65
CA TRP B 36 25.05 -9.71 -47.76
C TRP B 36 25.87 -8.53 -47.33
N SER B 37 26.71 -8.06 -48.24
CA SER B 37 27.56 -6.94 -47.98
C SER B 37 27.85 -6.17 -49.26
N THR B 38 28.30 -4.93 -49.15
CA THR B 38 28.98 -4.32 -50.28
C THR B 38 30.23 -5.14 -50.53
N CYS B 39 30.70 -5.07 -51.76
CA CYS B 39 31.86 -5.83 -52.21
C CYS B 39 32.76 -4.99 -53.08
N ASP B 40 34.01 -5.44 -53.19
CA ASP B 40 34.92 -4.91 -54.18
C ASP B 40 35.61 -6.11 -54.86
N GLY B 41 36.81 -5.94 -55.41
CA GLY B 41 37.53 -7.04 -56.05
C GLY B 41 38.00 -8.16 -55.13
N GLY B 42 37.97 -7.93 -53.81
CA GLY B 42 38.29 -8.97 -52.84
C GLY B 42 37.22 -10.06 -52.71
N GLN B 43 36.02 -9.77 -53.22
CA GLN B 43 34.91 -10.70 -53.18
C GLN B 43 34.46 -11.02 -54.61
N PRO B 44 35.16 -11.94 -55.26
CA PRO B 44 34.86 -12.28 -56.65
C PRO B 44 33.58 -13.11 -56.75
N PRO B 45 32.82 -12.93 -57.83
CA PRO B 45 31.54 -13.63 -58.01
C PRO B 45 31.74 -15.14 -58.11
N ALA B 46 30.96 -15.90 -57.34
CA ALA B 46 31.05 -17.34 -57.35
C ALA B 46 30.60 -17.94 -58.68
N GLU B 47 31.25 -19.01 -59.07
CA GLU B 47 30.84 -19.89 -60.16
C GLU B 47 29.52 -20.62 -59.88
N ILE B 48 28.40 -19.89 -59.90
CA ILE B 48 27.10 -20.44 -59.47
C ILE B 48 26.02 -20.06 -60.49
N PRO B 49 25.53 -21.03 -61.26
CA PRO B 49 24.50 -20.75 -62.27
C PRO B 49 23.11 -20.68 -61.64
N CYS B 50 22.17 -20.08 -62.36
CA CYS B 50 20.81 -19.86 -61.84
C CYS B 50 20.04 -21.15 -61.59
N SER B 51 20.34 -22.17 -62.38
CA SER B 51 19.65 -23.46 -62.25
C SER B 51 20.04 -24.20 -60.97
N SER B 52 21.25 -23.95 -60.47
CA SER B 52 21.80 -24.71 -59.34
C SER B 52 20.94 -24.66 -58.07
N PRO B 53 21.07 -25.68 -57.22
CA PRO B 53 20.42 -25.68 -55.90
C PRO B 53 20.73 -24.42 -55.06
N THR B 54 21.98 -23.97 -55.06
CA THR B 54 22.39 -22.82 -54.25
C THR B 54 21.67 -21.54 -54.65
N CYS B 55 21.45 -21.36 -55.95
CA CYS B 55 20.81 -20.15 -56.43
C CYS B 55 19.32 -20.10 -56.11
N LEU B 56 18.66 -21.23 -56.26
CA LEU B 56 17.23 -21.34 -55.92
C LEU B 56 17.03 -21.07 -54.43
N LEU B 57 17.96 -21.57 -53.62
CA LEU B 57 17.96 -21.36 -52.17
C LEU B 57 18.15 -19.89 -51.83
N ALA B 58 19.07 -19.23 -52.53
CA ALA B 58 19.36 -17.83 -52.28
C ALA B 58 18.14 -16.93 -52.57
N ASN B 59 17.28 -17.38 -53.46
CA ASN B 59 16.07 -16.64 -53.85
C ASN B 59 14.77 -17.22 -53.27
N ALA B 60 14.87 -18.09 -52.27
CA ALA B 60 13.71 -18.82 -51.76
C ALA B 60 12.66 -17.96 -51.03
N TYR B 61 13.06 -16.78 -50.53
CA TYR B 61 12.17 -15.93 -49.75
C TYR B 61 12.17 -14.49 -50.26
N PRO B 62 11.67 -14.27 -51.48
CA PRO B 62 11.82 -12.95 -52.11
C PRO B 62 11.30 -11.82 -51.22
N ALA B 63 12.04 -10.71 -51.16
CA ALA B 63 11.62 -9.54 -50.40
C ALA B 63 10.38 -8.94 -51.05
N PRO B 64 9.49 -8.39 -50.23
CA PRO B 64 8.18 -7.89 -50.70
C PRO B 64 8.17 -7.18 -52.06
N GLY B 65 8.95 -6.11 -52.22
CA GLY B 65 8.89 -5.29 -53.42
C GLY B 65 10.04 -5.51 -54.39
N CYS B 66 10.38 -6.78 -54.62
CA CYS B 66 11.57 -7.13 -55.39
C CYS B 66 11.26 -7.82 -56.73
N PRO B 67 11.99 -7.44 -57.78
CA PRO B 67 11.84 -8.04 -59.12
C PRO B 67 11.60 -9.57 -59.16
N ALA B 68 12.36 -10.34 -58.38
CA ALA B 68 12.23 -11.81 -58.33
C ALA B 68 12.32 -12.45 -59.71
N PRO B 79 25.37 -16.25 -64.55
CA PRO B 79 25.58 -16.31 -63.10
C PRO B 79 24.30 -16.06 -62.29
N CYS B 80 24.37 -16.34 -61.00
CA CYS B 80 23.22 -16.21 -60.11
C CYS B 80 23.03 -14.75 -59.71
N THR B 81 21.78 -14.30 -59.66
CA THR B 81 21.48 -13.04 -58.97
C THR B 81 20.50 -13.30 -57.83
N ALA B 82 20.95 -13.00 -56.61
CA ALA B 82 20.10 -12.98 -55.44
C ALA B 82 19.56 -11.58 -55.24
N TYR B 83 18.71 -11.39 -54.24
CA TYR B 83 18.11 -10.10 -53.98
C TYR B 83 18.19 -9.73 -52.49
N PRO B 84 19.37 -9.23 -52.07
CA PRO B 84 19.55 -8.79 -50.67
C PRO B 84 18.53 -7.73 -50.25
N TYR B 85 18.11 -7.84 -49.00
CA TYR B 85 17.00 -7.08 -48.43
C TYR B 85 17.53 -6.30 -47.22
N ASN B 86 17.31 -4.98 -47.18
CA ASN B 86 17.62 -4.19 -45.98
C ASN B 86 16.41 -4.30 -45.03
N PRO B 87 16.60 -4.92 -43.86
CA PRO B 87 15.47 -5.21 -42.97
C PRO B 87 14.94 -3.99 -42.21
N VAL B 88 15.64 -2.88 -42.24
CA VAL B 88 15.18 -1.63 -41.62
C VAL B 88 14.34 -0.82 -42.59
N SER B 89 14.88 -0.53 -43.76
CA SER B 89 14.19 0.29 -44.77
C SER B 89 13.26 -0.50 -45.68
N GLY B 90 13.42 -1.82 -45.74
CA GLY B 90 12.68 -2.64 -46.69
C GLY B 90 13.18 -2.59 -48.13
N ALA B 91 14.24 -1.81 -48.39
CA ALA B 91 14.80 -1.71 -49.73
C ALA B 91 15.46 -3.01 -50.12
N CYS B 92 15.42 -3.32 -51.40
CA CYS B 92 16.12 -4.49 -51.90
C CYS B 92 16.73 -4.19 -53.26
N ALA B 93 17.71 -5.00 -53.63
CA ALA B 93 18.46 -4.81 -54.87
C ALA B 93 19.07 -6.11 -55.37
N ALA B 94 19.28 -6.17 -56.67
CA ALA B 94 19.92 -7.32 -57.30
C ALA B 94 21.40 -7.33 -56.96
N GLY B 95 21.89 -8.54 -56.70
CA GLY B 95 23.28 -8.75 -56.34
C GLY B 95 23.71 -10.15 -56.72
N SER B 96 25.00 -10.31 -57.00
CA SER B 96 25.56 -11.62 -57.32
C SER B 96 26.11 -12.26 -56.05
N LEU B 97 26.14 -13.59 -56.01
CA LEU B 97 26.74 -14.31 -54.88
C LEU B 97 28.25 -14.36 -55.06
N SER B 98 28.99 -14.15 -53.97
CA SER B 98 30.46 -14.06 -54.01
C SER B 98 31.08 -14.72 -52.78
N HIS B 99 32.34 -15.11 -52.90
CA HIS B 99 33.08 -15.68 -51.78
C HIS B 99 33.65 -14.56 -50.93
N THR B 100 33.45 -14.67 -49.63
CA THR B 100 33.96 -13.68 -48.72
C THR B 100 34.43 -14.39 -47.47
N ARG B 101 35.01 -13.63 -46.54
CA ARG B 101 35.65 -14.19 -45.37
C ARG B 101 35.03 -13.60 -44.12
N PHE B 102 34.63 -14.45 -43.18
CA PHE B 102 34.17 -14.06 -41.85
C PHE B 102 35.36 -14.32 -40.95
N VAL B 103 35.95 -13.24 -40.44
CA VAL B 103 37.16 -13.32 -39.64
C VAL B 103 36.80 -13.03 -38.19
N ALA B 104 37.12 -13.99 -37.32
CA ALA B 104 36.71 -13.91 -35.91
C ALA B 104 37.69 -14.73 -35.06
N ASN B 105 37.22 -15.23 -33.92
CA ASN B 105 38.00 -16.10 -33.06
C ASN B 105 37.24 -17.40 -32.86
N THR B 106 37.94 -18.49 -32.60
CA THR B 106 37.28 -19.69 -32.08
C THR B 106 37.13 -19.51 -30.58
N THR B 107 36.33 -20.35 -29.97
CA THR B 107 36.17 -20.36 -28.54
C THR B 107 35.89 -21.75 -28.02
N ASP B 108 36.45 -22.03 -26.85
CA ASP B 108 36.19 -23.26 -26.10
C ASP B 108 35.16 -23.06 -24.98
N GLY B 109 34.39 -21.98 -25.06
CA GLY B 109 33.41 -21.64 -24.04
C GLY B 109 32.84 -20.27 -24.34
N SER B 110 33.44 -19.24 -23.75
CA SER B 110 33.07 -17.85 -24.06
C SER B 110 34.26 -16.94 -24.42
N LYS B 111 35.48 -17.37 -24.14
CA LYS B 111 36.66 -16.54 -24.39
C LYS B 111 37.34 -16.97 -25.70
N PRO B 112 38.01 -16.04 -26.37
CA PRO B 112 38.71 -16.37 -27.63
C PRO B 112 39.86 -17.32 -27.40
N VAL B 113 40.12 -18.18 -28.39
CA VAL B 113 41.21 -19.13 -28.36
C VAL B 113 42.19 -18.77 -29.48
N SER B 114 41.78 -18.99 -30.73
CA SER B 114 42.60 -18.65 -31.89
C SER B 114 41.84 -17.82 -32.90
N LYS B 115 42.56 -17.04 -33.70
CA LYS B 115 41.99 -16.38 -34.87
C LYS B 115 41.46 -17.46 -35.82
N VAL B 116 40.39 -17.13 -36.53
CA VAL B 116 39.82 -18.04 -37.51
C VAL B 116 39.28 -17.27 -38.70
N ASN B 117 39.40 -17.87 -39.87
CA ASN B 117 39.02 -17.27 -41.13
C ASN B 117 38.05 -18.21 -41.82
N VAL B 118 36.76 -17.88 -41.79
CA VAL B 118 35.69 -18.75 -42.28
C VAL B 118 35.19 -18.29 -43.64
N GLY B 119 35.22 -19.17 -44.62
CA GLY B 119 34.67 -18.84 -45.93
C GLY B 119 33.17 -18.90 -45.93
N VAL B 120 32.52 -17.84 -46.40
CA VAL B 120 31.06 -17.84 -46.55
C VAL B 120 30.63 -17.21 -47.88
N LEU B 121 29.47 -17.63 -48.36
CA LEU B 121 28.88 -17.06 -49.56
C LEU B 121 27.98 -15.89 -49.15
N ALA B 122 28.23 -14.70 -49.69
CA ALA B 122 27.43 -13.52 -49.44
C ALA B 122 26.92 -12.92 -50.75
N ALA B 123 25.74 -12.31 -50.72
CA ALA B 123 25.28 -11.51 -51.85
C ALA B 123 25.97 -10.15 -51.84
N CYS B 124 26.41 -9.70 -53.00
CA CYS B 124 27.07 -8.40 -53.12
C CYS B 124 26.02 -7.37 -53.42
N ALA B 125 25.85 -6.40 -52.53
CA ALA B 125 24.80 -5.39 -52.65
C ALA B 125 25.39 -4.04 -53.01
N PRO B 126 24.61 -3.20 -53.68
CA PRO B 126 25.07 -1.85 -54.00
C PRO B 126 25.09 -0.99 -52.75
N SER B 127 25.98 0.01 -52.75
CA SER B 127 26.10 0.99 -51.68
C SER B 127 24.80 1.57 -51.12
N LYS B 128 23.80 1.76 -51.99
CA LYS B 128 22.53 2.37 -51.58
C LYS B 128 21.72 1.54 -50.56
N LEU B 129 21.97 0.23 -50.53
CA LEU B 129 21.28 -0.65 -49.59
C LEU B 129 21.73 -0.43 -48.14
N LEU B 130 22.81 0.32 -47.93
CA LEU B 130 23.33 0.56 -46.59
C LEU B 130 22.54 1.61 -45.84
N ALA B 131 21.68 2.35 -46.52
CA ALA B 131 20.90 3.40 -45.87
C ALA B 131 20.12 2.79 -44.71
N SER B 132 20.17 3.48 -43.57
CA SER B 132 19.49 3.09 -42.33
C SER B 132 20.26 2.08 -41.47
N LEU B 133 21.40 1.59 -41.95
CA LEU B 133 22.23 0.69 -41.16
C LEU B 133 23.24 1.53 -40.39
N PRO B 134 23.86 0.95 -39.35
CA PRO B 134 24.81 1.69 -38.52
C PRO B 134 26.02 2.19 -39.30
N ARG B 135 26.57 3.31 -38.88
CA ARG B 135 27.86 3.74 -39.40
C ARG B 135 28.87 2.60 -39.27
N GLY B 136 29.59 2.34 -40.36
CA GLY B 136 30.64 1.33 -40.35
C GLY B 136 30.17 -0.06 -40.72
N SER B 137 28.86 -0.24 -40.83
CA SER B 137 28.30 -1.51 -41.29
C SER B 137 28.33 -1.50 -42.80
N THR B 138 28.63 -2.66 -43.37
CA THR B 138 28.61 -2.84 -44.81
C THR B 138 27.61 -3.88 -45.23
N GLY B 139 26.76 -4.33 -44.32
CA GLY B 139 25.79 -5.33 -44.70
C GLY B 139 25.06 -5.96 -43.53
N VAL B 140 24.44 -7.09 -43.84
CA VAL B 140 23.58 -7.80 -42.92
C VAL B 140 24.00 -9.24 -42.79
N ALA B 141 24.17 -9.69 -41.54
CA ALA B 141 24.36 -11.10 -41.27
C ALA B 141 22.99 -11.71 -40.94
N GLY B 142 22.40 -12.44 -41.89
CA GLY B 142 21.17 -13.14 -41.62
C GLY B 142 21.39 -14.32 -40.70
N LEU B 143 20.60 -14.43 -39.62
CA LEU B 143 20.72 -15.53 -38.66
C LEU B 143 19.46 -16.40 -38.63
N ALA B 144 18.67 -16.34 -39.70
CA ALA B 144 17.46 -17.16 -39.79
C ALA B 144 17.83 -18.61 -40.04
N ASN B 145 16.85 -19.51 -39.91
CA ASN B 145 17.05 -20.94 -40.13
C ASN B 145 16.94 -21.23 -41.62
N SER B 146 18.03 -20.97 -42.35
CA SER B 146 18.08 -21.21 -43.78
C SER B 146 19.51 -21.49 -44.21
N GLY B 147 19.68 -22.18 -45.34
CA GLY B 147 20.97 -22.78 -45.66
C GLY B 147 22.09 -21.81 -45.99
N LEU B 148 21.76 -20.58 -46.36
CA LEU B 148 22.78 -19.57 -46.65
C LEU B 148 22.90 -18.49 -45.56
N ALA B 149 22.15 -18.65 -44.47
CA ALA B 149 22.30 -17.75 -43.31
C ALA B 149 23.66 -18.01 -42.68
N LEU B 150 24.14 -17.07 -41.87
CA LEU B 150 25.47 -17.20 -41.27
C LEU B 150 25.66 -18.45 -40.40
N PRO B 151 24.73 -18.78 -39.49
CA PRO B 151 24.91 -19.96 -38.63
C PRO B 151 25.06 -21.25 -39.42
N ALA B 152 24.22 -21.45 -40.43
CA ALA B 152 24.27 -22.66 -41.25
C ALA B 152 25.59 -22.74 -42.01
N GLN B 153 26.04 -21.59 -42.51
CA GLN B 153 27.30 -21.55 -43.27
C GLN B 153 28.50 -21.78 -42.41
N VAL B 154 28.48 -21.27 -41.18
CA VAL B 154 29.55 -21.54 -40.23
C VAL B 154 29.54 -23.03 -39.86
N ALA B 155 28.36 -23.61 -39.74
CA ALA B 155 28.22 -25.03 -39.39
C ALA B 155 28.91 -25.92 -40.43
N SER B 156 28.71 -25.62 -41.70
CA SER B 156 29.29 -26.44 -42.76
C SER B 156 30.80 -26.17 -42.89
N ALA B 157 31.19 -24.90 -42.88
CA ALA B 157 32.60 -24.54 -43.14
C ALA B 157 33.53 -24.89 -41.96
N GLN B 158 33.04 -24.69 -40.73
CA GLN B 158 33.85 -24.94 -39.54
C GLN B 158 33.57 -26.29 -38.92
N LYS B 159 32.66 -27.05 -39.53
CA LYS B 159 32.27 -28.38 -39.06
C LYS B 159 31.84 -28.35 -37.60
N VAL B 160 30.90 -27.45 -37.32
CA VAL B 160 30.29 -27.30 -36.00
C VAL B 160 28.76 -27.46 -36.15
N ALA B 161 28.01 -27.24 -35.08
CA ALA B 161 26.58 -27.52 -35.10
C ALA B 161 25.80 -26.39 -35.75
N ASN B 162 24.65 -26.75 -36.32
CA ASN B 162 23.69 -25.81 -36.88
C ASN B 162 22.92 -25.18 -35.73
N ARG B 163 23.59 -24.26 -35.05
CA ARG B 163 23.14 -23.79 -33.75
C ARG B 163 23.95 -22.54 -33.42
N PHE B 164 23.33 -21.55 -32.80
CA PHE B 164 24.08 -20.37 -32.38
C PHE B 164 23.55 -19.81 -31.08
N LEU B 165 24.38 -19.01 -30.43
CA LEU B 165 24.09 -18.39 -29.16
C LEU B 165 24.17 -16.87 -29.31
N LEU B 166 23.20 -16.18 -28.75
CA LEU B 166 23.22 -14.71 -28.71
C LEU B 166 23.11 -14.24 -27.28
N CYS B 167 23.93 -13.26 -26.93
CA CYS B 167 23.79 -12.52 -25.69
C CYS B 167 23.87 -11.06 -26.11
N LEU B 168 22.73 -10.50 -26.47
CA LEU B 168 22.68 -9.14 -26.97
C LEU B 168 22.83 -8.14 -25.82
N PRO B 169 23.68 -7.16 -25.98
CA PRO B 169 23.96 -6.20 -24.90
C PRO B 169 23.06 -4.97 -24.92
N THR B 170 22.90 -4.34 -23.76
CA THR B 170 22.34 -2.98 -23.69
C THR B 170 23.40 -1.93 -24.02
N GLY B 171 24.66 -2.34 -23.91
CA GLY B 171 25.83 -1.49 -24.02
C GLY B 171 27.04 -2.32 -23.62
N GLY B 172 28.21 -1.95 -24.10
CA GLY B 172 29.41 -2.78 -23.99
C GLY B 172 29.32 -3.99 -24.91
N PRO B 173 30.38 -4.78 -25.00
CA PRO B 173 30.40 -5.91 -25.93
C PRO B 173 29.65 -7.16 -25.44
N GLY B 174 28.63 -7.52 -26.20
CA GLY B 174 27.90 -8.76 -26.02
C GLY B 174 28.53 -9.89 -26.78
N VAL B 175 27.78 -10.97 -26.95
CA VAL B 175 28.36 -12.23 -27.39
C VAL B 175 27.48 -12.89 -28.45
N ALA B 176 28.13 -13.38 -29.50
CA ALA B 176 27.52 -14.28 -30.47
C ALA B 176 28.48 -15.45 -30.69
N ILE B 177 27.98 -16.68 -30.54
CA ILE B 177 28.79 -17.87 -30.79
C ILE B 177 28.07 -18.75 -31.79
N PHE B 178 28.76 -19.06 -32.89
CA PHE B 178 28.20 -19.92 -33.92
C PHE B 178 28.83 -21.31 -33.86
N GLY B 179 28.03 -22.31 -33.49
CA GLY B 179 28.47 -23.71 -33.57
C GLY B 179 28.10 -24.65 -32.42
N GLY B 180 27.48 -24.14 -31.37
CA GLY B 180 27.03 -25.02 -30.29
C GLY B 180 28.11 -25.34 -29.27
N GLY B 181 28.01 -26.53 -28.67
CA GLY B 181 28.78 -26.87 -27.48
C GLY B 181 27.97 -26.57 -26.25
N PRO B 182 28.46 -26.95 -25.06
CA PRO B 182 27.76 -26.65 -23.81
C PRO B 182 27.54 -25.14 -23.69
N VAL B 183 26.38 -24.77 -23.15
CA VAL B 183 26.08 -23.36 -22.98
C VAL B 183 27.01 -22.85 -21.89
N PRO B 184 27.76 -21.79 -22.16
CA PRO B 184 28.68 -21.23 -21.15
C PRO B 184 27.96 -20.51 -20.02
N TRP B 185 28.72 -20.00 -19.06
CA TRP B 185 28.18 -19.31 -17.90
C TRP B 185 27.13 -20.11 -17.10
N PRO B 186 27.48 -21.32 -16.64
CA PRO B 186 26.50 -22.17 -15.95
C PRO B 186 25.89 -21.52 -14.69
N GLN B 187 26.61 -20.58 -14.09
CA GLN B 187 26.10 -19.78 -12.97
C GLN B 187 24.79 -19.09 -13.31
N PHE B 188 24.61 -18.77 -14.60
CA PHE B 188 23.40 -18.14 -15.12
C PHE B 188 22.54 -19.03 -16.02
N THR B 189 23.12 -20.09 -16.60
CA THR B 189 22.41 -20.87 -17.61
C THR B 189 22.20 -22.34 -17.30
N GLN B 190 22.64 -22.80 -16.13
CA GLN B 190 22.54 -24.23 -15.82
C GLN B 190 21.09 -24.67 -15.79
N SER B 191 20.17 -23.76 -15.42
CA SER B 191 18.75 -24.06 -15.36
C SER B 191 18.02 -23.60 -16.63
N MET B 192 18.74 -23.40 -17.74
CA MET B 192 18.15 -22.79 -18.93
C MET B 192 16.86 -23.49 -19.38
N PRO B 193 15.74 -22.77 -19.42
CA PRO B 193 14.52 -23.34 -20.00
C PRO B 193 14.57 -23.39 -21.51
N TYR B 194 13.89 -24.38 -22.08
CA TYR B 194 13.80 -24.54 -23.53
C TYR B 194 12.35 -24.58 -23.96
N THR B 195 12.10 -24.07 -25.15
CA THR B 195 10.81 -24.17 -25.79
C THR B 195 11.06 -24.54 -27.26
N PRO B 196 10.17 -25.32 -27.88
CA PRO B 196 10.40 -25.69 -29.28
C PRO B 196 10.47 -24.53 -30.25
N LEU B 197 11.36 -24.67 -31.23
CA LEU B 197 11.36 -23.79 -32.38
C LEU B 197 10.40 -24.36 -33.41
N VAL B 198 9.51 -23.52 -33.88
CA VAL B 198 8.46 -23.89 -34.84
C VAL B 198 8.82 -23.36 -36.22
N THR B 199 8.91 -24.26 -37.20
CA THR B 199 9.12 -23.87 -38.60
C THR B 199 7.77 -23.53 -39.21
N LYS B 200 7.66 -22.32 -39.78
CA LYS B 200 6.47 -21.88 -40.48
C LYS B 200 6.71 -21.93 -41.99
N GLY B 201 5.68 -22.33 -42.73
CA GLY B 201 5.78 -22.42 -44.18
C GLY B 201 6.03 -21.06 -44.79
N GLY B 202 7.00 -21.00 -45.71
CA GLY B 202 7.29 -19.79 -46.45
C GLY B 202 8.16 -18.79 -45.67
N SER B 203 8.60 -19.16 -44.47
CA SER B 203 9.44 -18.30 -43.65
C SER B 203 10.62 -19.06 -43.08
N PRO B 204 11.80 -18.44 -43.09
CA PRO B 204 13.00 -18.99 -42.45
C PRO B 204 13.14 -18.52 -41.00
N ALA B 205 12.22 -17.68 -40.52
CA ALA B 205 12.39 -17.06 -39.21
C ALA B 205 12.20 -18.05 -38.06
N HIS B 206 12.65 -17.60 -36.89
CA HIS B 206 12.55 -18.34 -35.62
C HIS B 206 11.21 -18.01 -34.94
N TYR B 207 10.39 -19.03 -34.72
CA TYR B 207 9.10 -18.88 -34.03
C TYR B 207 9.03 -19.80 -32.82
N ILE B 208 8.34 -19.34 -31.79
CA ILE B 208 8.07 -20.13 -30.61
C ILE B 208 6.58 -19.94 -30.26
N SER B 209 6.10 -20.65 -29.25
CA SER B 209 4.67 -20.65 -28.95
C SER B 209 4.41 -20.18 -27.53
N ALA B 210 3.71 -19.07 -27.40
CA ALA B 210 3.16 -18.64 -26.13
C ALA B 210 1.70 -19.10 -26.01
N ARG B 211 1.36 -19.66 -24.86
CA ARG B 211 -0.01 -20.09 -24.58
C ARG B 211 -0.73 -19.12 -23.68
N SER B 212 0.02 -18.22 -23.07
CA SER B 212 -0.55 -17.14 -22.28
C SER B 212 0.34 -15.91 -22.25
N ILE B 213 -0.29 -14.78 -21.95
CA ILE B 213 0.40 -13.52 -21.64
C ILE B 213 -0.16 -13.00 -20.33
N VAL B 214 0.71 -12.55 -19.43
CA VAL B 214 0.31 -12.12 -18.10
C VAL B 214 0.89 -10.73 -17.87
N VAL B 215 0.05 -9.82 -17.40
CA VAL B 215 0.49 -8.50 -16.96
C VAL B 215 0.34 -8.46 -15.44
N GLY B 216 1.45 -8.21 -14.74
CA GLY B 216 1.49 -8.37 -13.29
C GLY B 216 1.27 -9.82 -12.94
N ASP B 217 0.16 -10.10 -12.26
CA ASP B 217 -0.24 -11.47 -11.92
C ASP B 217 -1.49 -11.92 -12.63
N THR B 218 -2.04 -11.11 -13.53
CA THR B 218 -3.30 -11.45 -14.17
C THR B 218 -3.18 -11.70 -15.66
N ARG B 219 -3.70 -12.84 -16.07
CA ARG B 219 -3.67 -13.27 -17.45
C ARG B 219 -4.43 -12.28 -18.31
N VAL B 220 -3.86 -11.93 -19.45
CA VAL B 220 -4.50 -11.02 -20.39
C VAL B 220 -5.56 -11.83 -21.15
N PRO B 221 -6.82 -11.40 -21.13
CA PRO B 221 -7.86 -12.14 -21.85
C PRO B 221 -7.70 -11.88 -23.34
N VAL B 222 -7.40 -12.93 -24.10
CA VAL B 222 -7.29 -12.82 -25.54
C VAL B 222 -8.32 -13.72 -26.17
N PRO B 223 -8.77 -13.39 -27.38
CA PRO B 223 -9.76 -14.23 -28.08
C PRO B 223 -9.30 -15.68 -28.26
N GLU B 224 -10.26 -16.54 -28.57
CA GLU B 224 -10.01 -17.96 -28.74
C GLU B 224 -9.10 -18.15 -29.94
N GLY B 225 -8.00 -18.86 -29.74
CA GLY B 225 -7.07 -19.17 -30.82
C GLY B 225 -6.09 -18.06 -31.14
N ALA B 226 -6.15 -16.93 -30.43
CA ALA B 226 -5.27 -15.80 -30.71
C ALA B 226 -3.80 -16.21 -30.58
N LEU B 227 -3.49 -16.92 -29.50
CA LEU B 227 -2.15 -17.41 -29.23
C LEU B 227 -2.06 -18.85 -29.73
N ALA B 228 -1.28 -19.04 -30.79
CA ALA B 228 -1.28 -20.29 -31.54
C ALA B 228 0.15 -20.80 -31.62
N THR B 229 0.28 -22.04 -32.07
CA THR B 229 1.59 -22.63 -32.25
C THR B 229 2.39 -21.76 -33.21
N GLY B 230 3.61 -21.45 -32.82
CA GLY B 230 4.48 -20.58 -33.60
C GLY B 230 4.04 -19.13 -33.69
N GLY B 231 3.25 -18.68 -32.73
CA GLY B 231 2.64 -17.35 -32.77
C GLY B 231 3.56 -16.23 -32.32
N VAL B 232 4.73 -16.56 -31.82
CA VAL B 232 5.72 -15.58 -31.39
C VAL B 232 6.97 -15.66 -32.28
N MET B 233 7.31 -14.57 -32.95
CA MET B 233 8.51 -14.51 -33.78
C MET B 233 9.58 -13.70 -33.07
N LEU B 234 10.85 -14.03 -33.34
CA LEU B 234 11.96 -13.28 -32.80
C LEU B 234 12.54 -12.41 -33.88
N SER B 235 12.89 -11.18 -33.51
CA SER B 235 13.42 -10.20 -34.46
C SER B 235 14.44 -9.27 -33.81
N THR B 236 15.49 -8.94 -34.55
CA THR B 236 16.45 -7.92 -34.15
C THR B 236 16.33 -6.65 -34.99
N ARG B 237 15.24 -6.51 -35.74
CA ARG B 237 15.06 -5.37 -36.65
C ARG B 237 14.57 -4.12 -35.95
N LEU B 238 13.82 -4.32 -34.88
CA LEU B 238 13.28 -3.24 -34.08
C LEU B 238 13.64 -3.51 -32.62
N PRO B 239 13.76 -2.47 -31.81
CA PRO B 239 14.03 -2.67 -30.38
C PRO B 239 12.78 -3.04 -29.58
N TYR B 240 11.59 -2.79 -30.13
CA TYR B 240 10.34 -2.97 -29.39
C TYR B 240 9.55 -4.18 -29.91
N VAL B 241 8.50 -4.54 -29.16
CA VAL B 241 7.62 -5.62 -29.52
C VAL B 241 6.51 -5.13 -30.45
N LEU B 242 6.24 -5.89 -31.50
CA LEU B 242 5.04 -5.71 -32.32
C LEU B 242 3.95 -6.68 -31.89
N LEU B 243 2.72 -6.18 -31.81
CA LEU B 243 1.57 -6.94 -31.37
C LEU B 243 0.47 -6.87 -32.42
N ARG B 244 -0.02 -8.02 -32.85
CA ARG B 244 -1.18 -8.09 -33.72
C ARG B 244 -2.37 -7.43 -32.99
N PRO B 245 -3.23 -6.70 -33.70
CA PRO B 245 -4.24 -5.84 -33.03
C PRO B 245 -5.13 -6.52 -31.99
N ASP B 246 -5.49 -7.78 -32.23
CA ASP B 246 -6.32 -8.54 -31.29
C ASP B 246 -5.63 -8.79 -29.95
N VAL B 247 -4.29 -8.79 -29.96
CA VAL B 247 -3.51 -8.89 -28.73
C VAL B 247 -3.10 -7.53 -28.19
N TYR B 248 -2.79 -6.59 -29.09
CA TYR B 248 -2.38 -5.24 -28.72
C TYR B 248 -3.41 -4.60 -27.75
N ARG B 249 -4.68 -4.61 -28.14
CA ARG B 249 -5.71 -3.91 -27.39
C ARG B 249 -5.84 -4.38 -25.92
N PRO B 250 -6.09 -5.67 -25.66
CA PRO B 250 -6.14 -6.14 -24.26
C PRO B 250 -4.85 -6.03 -23.46
N LEU B 251 -3.71 -6.27 -24.12
CA LEU B 251 -2.41 -6.18 -23.43
C LEU B 251 -2.13 -4.72 -23.06
N MET B 252 -2.28 -3.79 -24.00
CA MET B 252 -1.99 -2.39 -23.67
C MET B 252 -3.00 -1.84 -22.65
N ASP B 253 -4.27 -2.19 -22.77
CA ASP B 253 -5.23 -1.75 -21.77
C ASP B 253 -4.86 -2.28 -20.38
N ALA B 254 -4.42 -3.53 -20.29
CA ALA B 254 -4.04 -4.08 -18.97
C ALA B 254 -2.82 -3.37 -18.39
N PHE B 255 -1.86 -3.07 -19.26
CA PHE B 255 -0.60 -2.42 -18.89
C PHE B 255 -0.85 -1.00 -18.42
N THR B 256 -1.62 -0.24 -19.18
CA THR B 256 -1.83 1.17 -18.84
C THR B 256 -2.73 1.31 -17.59
N LYS B 257 -3.70 0.42 -17.42
CA LYS B 257 -4.53 0.42 -16.21
C LYS B 257 -3.67 0.10 -14.99
N ALA B 258 -2.84 -0.94 -15.08
CA ALA B 258 -2.01 -1.34 -13.94
C ALA B 258 -1.01 -0.25 -13.62
N LEU B 259 -0.42 0.34 -14.65
CA LEU B 259 0.56 1.41 -14.46
C LEU B 259 -0.09 2.64 -13.81
N ALA B 260 -1.32 2.97 -14.23
CA ALA B 260 -2.05 4.11 -13.66
C ALA B 260 -2.38 3.93 -12.18
N ALA B 261 -2.43 2.67 -11.72
CA ALA B 261 -2.85 2.35 -10.35
C ALA B 261 -1.71 2.26 -9.35
N GLN B 262 -0.49 2.44 -9.82
CA GLN B 262 0.69 2.46 -8.94
C GLN B 262 0.84 3.84 -8.28
N GLY B 266 3.83 8.45 -1.88
CA GLY B 266 3.25 9.72 -2.34
C GLY B 266 3.91 10.19 -3.62
N ALA B 267 4.59 9.26 -4.28
CA ALA B 267 5.33 9.55 -5.50
C ALA B 267 4.36 9.95 -6.61
N PRO B 268 4.87 10.58 -7.66
CA PRO B 268 4.04 10.92 -8.81
C PRO B 268 3.29 9.73 -9.41
N VAL B 269 2.09 9.98 -9.90
CA VAL B 269 1.30 8.98 -10.59
C VAL B 269 1.65 9.12 -12.07
N ALA B 270 1.75 8.00 -12.78
CA ALA B 270 2.13 8.01 -14.20
C ALA B 270 1.28 8.98 -15.02
N ARG B 271 1.94 9.78 -15.87
CA ARG B 271 1.27 10.79 -16.67
C ARG B 271 1.62 10.52 -18.13
N ALA B 272 0.61 10.22 -18.94
CA ALA B 272 0.80 10.01 -20.36
C ALA B 272 1.12 11.32 -21.05
N VAL B 273 1.96 11.23 -22.07
CA VAL B 273 2.32 12.40 -22.87
C VAL B 273 2.14 12.07 -24.34
N GLU B 274 2.24 13.09 -25.19
CA GLU B 274 2.10 12.87 -26.62
C GLU B 274 3.10 11.80 -27.07
N ALA B 275 2.63 10.88 -27.90
CA ALA B 275 3.43 9.77 -28.38
C ALA B 275 4.52 10.26 -29.32
N VAL B 276 5.66 9.58 -29.25
CA VAL B 276 6.79 9.83 -30.13
C VAL B 276 6.84 8.66 -31.08
N ALA B 277 6.74 8.94 -32.38
CA ALA B 277 6.74 7.88 -33.37
C ALA B 277 8.04 7.09 -33.25
N PRO B 278 8.00 5.77 -33.43
CA PRO B 278 6.85 4.97 -33.88
C PRO B 278 5.90 4.43 -32.79
N PHE B 279 6.07 4.91 -31.55
CA PHE B 279 5.31 4.38 -30.43
C PHE B 279 3.91 4.97 -30.33
N GLY B 280 3.04 4.24 -29.64
CA GLY B 280 1.67 4.65 -29.43
C GLY B 280 1.31 5.16 -28.05
N VAL B 281 2.06 4.74 -27.03
CA VAL B 281 1.79 5.11 -25.64
C VAL B 281 3.11 5.51 -24.96
N CYS B 282 3.19 6.75 -24.48
CA CYS B 282 4.41 7.31 -23.90
C CYS B 282 4.09 8.08 -22.63
N TYR B 283 5.08 8.12 -21.73
CA TYR B 283 4.95 8.70 -20.38
C TYR B 283 6.05 9.68 -20.04
N ASP B 284 5.72 10.63 -19.17
CA ASP B 284 6.66 11.54 -18.54
C ASP B 284 7.53 10.71 -17.59
N THR B 285 8.83 10.69 -17.82
CA THR B 285 9.72 9.86 -17.02
C THR B 285 9.81 10.28 -15.56
N LYS B 286 9.49 11.54 -15.27
CA LYS B 286 9.41 12.04 -13.89
C LYS B 286 8.30 11.37 -13.09
N THR B 287 7.37 10.70 -13.78
CA THR B 287 6.23 10.08 -13.15
C THR B 287 6.34 8.57 -13.10
N LEU B 288 7.52 8.01 -13.43
CA LEU B 288 7.78 6.59 -13.38
C LEU B 288 8.85 6.33 -12.32
N GLY B 289 8.62 5.30 -11.53
CA GLY B 289 9.59 4.89 -10.55
C GLY B 289 10.56 3.92 -11.17
N ASN B 290 11.43 3.36 -10.33
CA ASN B 290 12.30 2.28 -10.77
C ASN B 290 12.60 1.27 -9.67
N ASN B 291 13.10 0.14 -10.13
CA ASN B 291 13.51 -0.97 -9.27
C ASN B 291 14.64 -1.69 -9.99
N LEU B 292 15.10 -2.81 -9.46
CA LEU B 292 16.28 -3.47 -10.01
C LEU B 292 16.07 -4.02 -11.42
N GLY B 293 14.82 -4.10 -11.90
CA GLY B 293 14.52 -4.54 -13.25
C GLY B 293 14.34 -3.42 -14.26
N GLY B 294 14.46 -2.18 -13.83
CA GLY B 294 14.28 -1.01 -14.69
C GLY B 294 13.12 -0.16 -14.21
N TYR B 295 12.50 0.57 -15.13
CA TYR B 295 11.36 1.39 -14.77
C TYR B 295 10.33 0.53 -14.05
N ALA B 296 9.64 1.12 -13.08
CA ALA B 296 8.67 0.41 -12.24
C ALA B 296 7.32 0.46 -12.92
N VAL B 297 7.19 -0.42 -13.90
CA VAL B 297 5.99 -0.59 -14.69
C VAL B 297 5.57 -2.05 -14.55
N PRO B 298 4.33 -2.38 -14.92
CA PRO B 298 3.85 -3.76 -14.77
C PRO B 298 4.73 -4.77 -15.50
N ASN B 299 5.13 -5.83 -14.80
CA ASN B 299 5.83 -6.98 -15.41
C ASN B 299 4.95 -7.63 -16.46
N VAL B 300 5.55 -8.12 -17.52
CA VAL B 300 4.80 -8.86 -18.53
C VAL B 300 5.54 -10.17 -18.74
N GLN B 301 4.80 -11.28 -18.73
CA GLN B 301 5.36 -12.63 -18.94
C GLN B 301 4.65 -13.31 -20.09
N LEU B 302 5.41 -14.00 -20.95
CA LEU B 302 4.83 -14.90 -21.93
C LEU B 302 5.05 -16.33 -21.44
N GLY B 303 3.96 -17.06 -21.21
CA GLY B 303 4.04 -18.46 -20.83
C GLY B 303 4.28 -19.31 -22.05
N LEU B 304 5.48 -19.87 -22.18
CA LEU B 304 5.85 -20.60 -23.39
C LEU B 304 5.70 -22.11 -23.22
N ASP B 305 5.46 -22.80 -24.32
CA ASP B 305 5.50 -24.27 -24.36
C ASP B 305 6.74 -24.78 -23.66
N GLY B 306 6.56 -25.80 -22.83
CA GLY B 306 7.65 -26.31 -21.99
C GLY B 306 7.51 -25.91 -20.52
N GLY B 307 6.66 -24.94 -20.23
CA GLY B 307 6.32 -24.58 -18.86
C GLY B 307 7.08 -23.44 -18.19
N SER B 308 7.95 -22.75 -18.94
CA SER B 308 8.71 -21.62 -18.39
C SER B 308 8.20 -20.32 -19.01
N ASP B 309 8.48 -19.20 -18.34
CA ASP B 309 8.05 -17.89 -18.80
C ASP B 309 9.21 -17.06 -19.31
N TRP B 310 8.94 -16.30 -20.37
CA TRP B 310 9.83 -15.27 -20.89
C TRP B 310 9.37 -13.98 -20.22
N THR B 311 10.22 -13.37 -19.40
CA THR B 311 9.80 -12.22 -18.60
C THR B 311 10.32 -10.92 -19.20
N MET B 312 9.50 -9.88 -19.05
CA MET B 312 9.84 -8.51 -19.41
C MET B 312 9.69 -7.67 -18.15
N THR B 313 10.74 -6.89 -17.85
CA THR B 313 10.68 -5.85 -16.83
C THR B 313 10.83 -4.50 -17.52
N GLY B 314 10.92 -3.42 -16.77
CA GLY B 314 11.02 -2.07 -17.33
C GLY B 314 12.11 -1.89 -18.38
N LYS B 315 13.25 -2.57 -18.20
CA LYS B 315 14.37 -2.45 -19.14
C LYS B 315 14.02 -3.04 -20.51
N ASN B 316 12.99 -3.88 -20.55
CA ASN B 316 12.51 -4.54 -21.75
C ASN B 316 11.23 -3.94 -22.31
N SER B 317 10.42 -3.33 -21.46
CA SER B 317 9.06 -2.90 -21.84
C SER B 317 8.93 -1.40 -22.03
N MET B 318 10.00 -0.66 -21.70
CA MET B 318 10.02 0.79 -21.87
C MET B 318 11.28 1.22 -22.61
N VAL B 319 11.11 2.16 -23.53
CA VAL B 319 12.20 2.70 -24.33
C VAL B 319 12.33 4.20 -24.02
N ASP B 320 13.51 4.61 -23.59
CA ASP B 320 13.81 6.04 -23.45
C ASP B 320 14.01 6.67 -24.82
N VAL B 321 13.14 7.60 -25.21
CA VAL B 321 13.17 8.15 -26.56
C VAL B 321 13.78 9.53 -26.64
N LYS B 322 13.60 10.33 -25.60
CA LYS B 322 14.20 11.66 -25.51
C LYS B 322 14.10 12.13 -24.06
N GLN B 323 14.89 13.13 -23.67
CA GLN B 323 14.81 13.64 -22.31
C GLN B 323 13.36 13.89 -21.89
N GLY B 324 12.95 13.25 -20.79
CA GLY B 324 11.62 13.43 -20.22
C GLY B 324 10.52 12.46 -20.68
N THR B 325 10.79 11.64 -21.69
CA THR B 325 9.77 10.79 -22.30
C THR B 325 10.28 9.35 -22.47
N ALA B 326 9.52 8.41 -21.96
CA ALA B 326 9.76 6.99 -22.23
C ALA B 326 8.49 6.38 -22.78
N CYS B 327 8.65 5.48 -23.74
CA CYS B 327 7.52 4.90 -24.43
C CYS B 327 7.39 3.41 -24.16
N VAL B 328 6.16 2.95 -24.12
CA VAL B 328 5.87 1.55 -23.94
C VAL B 328 6.29 0.78 -25.20
N ALA B 329 7.08 -0.26 -25.01
CA ALA B 329 7.72 -1.01 -26.09
C ALA B 329 6.80 -2.08 -26.67
N PHE B 330 5.49 -1.82 -26.65
CA PHE B 330 4.52 -2.64 -27.37
C PHE B 330 3.86 -1.74 -28.40
N VAL B 331 4.05 -2.06 -29.67
CA VAL B 331 3.57 -1.25 -30.78
C VAL B 331 2.64 -2.10 -31.65
N GLU B 332 1.52 -1.51 -32.05
CA GLU B 332 0.51 -2.26 -32.81
C GLU B 332 0.99 -2.47 -34.25
N MET B 333 0.85 -3.70 -34.75
CA MET B 333 1.16 -3.98 -36.13
C MET B 333 0.25 -3.17 -37.04
N LYS B 334 0.82 -2.69 -38.14
CA LYS B 334 0.07 -2.01 -39.19
C LYS B 334 -0.12 -3.00 -40.34
N GLY B 335 -1.23 -2.84 -41.06
CA GLY B 335 -1.53 -3.67 -42.22
C GLY B 335 -1.81 -5.15 -41.96
N VAL B 336 -2.22 -5.47 -40.73
CA VAL B 336 -2.57 -6.83 -40.34
C VAL B 336 -3.87 -6.77 -39.56
N ALA B 337 -4.90 -7.47 -40.03
CA ALA B 337 -6.18 -7.50 -39.34
C ALA B 337 -6.07 -8.21 -38.00
N ALA B 338 -6.84 -7.72 -37.02
CA ALA B 338 -7.02 -8.40 -35.75
C ALA B 338 -7.42 -9.86 -36.00
N GLY B 339 -6.71 -10.77 -35.35
CA GLY B 339 -7.00 -12.20 -35.39
C GLY B 339 -6.50 -12.90 -36.64
N ASP B 340 -5.67 -12.27 -37.46
CA ASP B 340 -5.18 -12.89 -38.70
C ASP B 340 -4.07 -13.88 -38.35
N GLY B 341 -4.42 -15.15 -38.29
CA GLY B 341 -3.50 -16.22 -37.91
C GLY B 341 -2.30 -16.49 -38.81
N ARG B 342 -2.24 -15.85 -39.99
CA ARG B 342 -1.07 -15.92 -40.86
C ARG B 342 0.09 -15.08 -40.31
N ALA B 343 -0.26 -14.05 -39.55
CA ALA B 343 0.73 -13.20 -38.88
C ALA B 343 0.99 -13.69 -37.45
N PRO B 344 2.19 -13.47 -36.92
CA PRO B 344 2.47 -13.79 -35.52
C PRO B 344 1.60 -12.91 -34.64
N ALA B 345 1.23 -13.41 -33.47
CA ALA B 345 0.57 -12.57 -32.45
C ALA B 345 1.54 -11.56 -31.86
N VAL B 346 2.78 -11.98 -31.69
CA VAL B 346 3.81 -11.21 -30.99
C VAL B 346 5.11 -11.31 -31.81
N ILE B 347 5.79 -10.18 -32.02
CA ILE B 347 7.16 -10.22 -32.52
C ILE B 347 8.05 -9.58 -31.48
N LEU B 348 8.81 -10.41 -30.77
CA LEU B 348 9.74 -9.91 -29.76
C LEU B 348 10.89 -9.25 -30.48
N GLY B 349 11.37 -8.14 -29.92
CA GLY B 349 12.44 -7.36 -30.51
C GLY B 349 13.69 -7.33 -29.66
N GLY B 350 14.60 -6.42 -30.02
CA GLY B 350 15.94 -6.45 -29.48
C GLY B 350 16.01 -6.23 -27.99
N ALA B 351 15.28 -5.24 -27.48
CA ALA B 351 15.37 -4.92 -26.07
C ALA B 351 14.69 -5.95 -25.17
N GLN B 352 13.94 -6.89 -25.76
CA GLN B 352 13.35 -7.98 -25.01
C GLN B 352 14.28 -9.20 -25.02
N MET B 353 15.24 -9.22 -25.94
CA MET B 353 16.27 -10.24 -25.97
C MET B 353 17.56 -9.85 -25.25
N GLU B 354 17.74 -8.56 -25.01
CA GLU B 354 18.93 -8.07 -24.32
C GLU B 354 19.07 -8.71 -22.95
N ASP B 355 20.30 -9.04 -22.57
CA ASP B 355 20.60 -9.65 -21.28
C ASP B 355 19.88 -10.98 -21.05
N PHE B 356 19.57 -11.67 -22.15
CA PHE B 356 19.19 -13.07 -22.13
C PHE B 356 20.32 -13.81 -22.86
N VAL B 357 20.67 -15.00 -22.36
CA VAL B 357 21.48 -15.92 -23.13
C VAL B 357 20.51 -16.75 -23.93
N LEU B 358 20.61 -16.69 -25.24
CA LEU B 358 19.69 -17.40 -26.14
C LEU B 358 20.42 -18.47 -26.93
N ASP B 359 19.95 -19.71 -26.81
CA ASP B 359 20.53 -20.85 -27.50
C ASP B 359 19.58 -21.27 -28.62
N PHE B 360 19.87 -20.82 -29.85
CA PHE B 360 19.08 -21.17 -31.03
C PHE B 360 19.60 -22.49 -31.65
N ASP B 361 18.99 -23.60 -31.26
CA ASP B 361 19.45 -24.93 -31.65
C ASP B 361 18.55 -25.44 -32.79
N MET B 362 19.04 -25.34 -34.01
CA MET B 362 18.25 -25.74 -35.17
C MET B 362 18.41 -27.24 -35.49
N GLU B 363 19.25 -27.93 -34.73
CA GLU B 363 19.35 -29.39 -34.81
C GLU B 363 18.32 -30.06 -33.91
N LYS B 364 18.29 -29.66 -32.64
CA LYS B 364 17.27 -30.12 -31.73
C LYS B 364 15.94 -29.34 -31.89
N LYS B 365 15.92 -28.31 -32.73
CA LYS B 365 14.73 -27.48 -32.97
C LYS B 365 14.13 -26.93 -31.67
N ARG B 366 14.96 -26.26 -30.89
CA ARG B 366 14.51 -25.65 -29.65
C ARG B 366 15.32 -24.40 -29.37
N LEU B 367 14.68 -23.49 -28.62
CA LEU B 367 15.31 -22.26 -28.17
C LEU B 367 15.44 -22.27 -26.67
N GLY B 368 16.67 -22.12 -26.19
CA GLY B 368 16.94 -21.96 -24.78
C GLY B 368 16.98 -20.47 -24.47
N PHE B 369 16.39 -20.08 -23.35
CA PHE B 369 16.28 -18.66 -23.01
C PHE B 369 16.53 -18.43 -21.50
N SER B 370 17.75 -17.99 -21.17
CA SER B 370 18.12 -17.73 -19.78
C SER B 370 18.25 -16.25 -19.56
N ARG B 371 17.29 -15.66 -18.87
CA ARG B 371 17.39 -14.27 -18.48
C ARG B 371 18.50 -14.15 -17.43
N LEU B 372 19.47 -13.28 -17.69
CA LEU B 372 20.51 -13.00 -16.72
C LEU B 372 19.95 -12.30 -15.49
N PRO B 373 20.51 -12.57 -14.31
CA PRO B 373 20.10 -11.85 -13.12
C PRO B 373 20.56 -10.38 -13.17
N HIS B 374 19.98 -9.58 -12.30
CA HIS B 374 20.03 -8.13 -12.46
C HIS B 374 21.46 -7.57 -12.38
N PHE B 375 22.34 -8.25 -11.63
CA PHE B 375 23.66 -7.71 -11.32
C PHE B 375 24.66 -7.96 -12.47
N THR B 376 24.24 -8.67 -13.52
CA THR B 376 25.11 -8.85 -14.67
C THR B 376 24.35 -8.51 -15.95
N GLY B 377 24.92 -8.90 -17.08
CA GLY B 377 24.31 -8.66 -18.38
C GLY B 377 25.23 -9.10 -19.48
N CYS B 378 24.76 -9.07 -20.72
CA CYS B 378 25.57 -9.53 -21.86
C CYS B 378 26.77 -8.67 -22.12
N GLY B 379 26.62 -7.36 -21.95
CA GLY B 379 27.72 -6.44 -22.06
C GLY B 379 28.84 -6.75 -21.09
N GLY B 380 30.04 -6.98 -21.64
CA GLY B 380 31.19 -7.39 -20.86
C GLY B 380 31.18 -8.82 -20.33
N LEU B 381 30.21 -9.65 -20.74
CA LEU B 381 30.12 -11.03 -20.25
C LEU B 381 31.19 -11.94 -20.86
N ALA C 2 -19.60 -14.64 -6.90
CA ALA C 2 -18.36 -14.26 -7.65
C ALA C 2 -17.11 -14.36 -6.77
N GLY C 3 -15.95 -14.23 -7.43
CA GLY C 3 -14.67 -14.19 -6.74
C GLY C 3 -14.64 -12.98 -5.83
N ILE C 4 -14.04 -13.16 -4.67
CA ILE C 4 -13.83 -12.08 -3.71
C ILE C 4 -12.97 -11.00 -4.38
N ASN C 5 -13.36 -9.73 -4.21
CA ASN C 5 -12.57 -8.60 -4.70
C ASN C 5 -12.47 -7.43 -3.71
N TYR C 6 -12.92 -7.66 -2.48
CA TYR C 6 -12.98 -6.60 -1.49
C TYR C 6 -12.62 -7.15 -0.12
N VAL C 7 -11.75 -6.43 0.57
CA VAL C 7 -11.34 -6.77 1.92
C VAL C 7 -11.85 -5.73 2.90
N GLN C 8 -12.65 -6.15 3.87
CA GLN C 8 -13.10 -5.26 4.93
C GLN C 8 -12.10 -5.32 6.06
N ASN C 9 -11.53 -4.16 6.41
CA ASN C 9 -10.54 -4.09 7.46
C ASN C 9 -10.63 -2.78 8.23
N TYR C 10 -11.47 -2.81 9.25
CA TYR C 10 -11.61 -1.72 10.21
C TYR C 10 -11.05 -2.21 11.53
N ASN C 11 -9.87 -1.71 11.88
CA ASN C 11 -9.18 -2.07 13.13
C ASN C 11 -8.83 -3.56 13.24
N GLY C 12 -8.54 -4.20 12.11
CA GLY C 12 -8.02 -5.55 12.09
C GLY C 12 -6.73 -5.70 12.90
N ASN C 13 -5.95 -4.61 12.95
CA ASN C 13 -4.71 -4.58 13.74
C ASN C 13 -4.87 -4.75 15.26
N LEU C 14 -6.10 -4.69 15.75
CA LEU C 14 -6.38 -4.95 17.16
C LEU C 14 -6.28 -6.42 17.52
N GLY C 15 -6.28 -7.28 16.51
CA GLY C 15 -5.96 -8.70 16.65
C GLY C 15 -5.08 -9.18 15.52
N ASP C 16 -5.22 -10.45 15.16
CA ASP C 16 -4.45 -11.07 14.07
C ASP C 16 -5.41 -11.40 12.94
N PHE C 17 -5.42 -10.54 11.92
CA PHE C 17 -6.30 -10.69 10.77
C PHE C 17 -5.46 -11.21 9.62
N THR C 18 -5.83 -12.36 9.08
CA THR C 18 -5.22 -12.90 7.88
C THR C 18 -6.29 -13.21 6.86
N TYR C 19 -5.95 -13.12 5.59
CA TYR C 19 -6.91 -13.47 4.55
C TYR C 19 -6.23 -13.86 3.25
N ASP C 20 -7.01 -14.53 2.40
CA ASP C 20 -6.59 -14.93 1.06
C ASP C 20 -7.80 -14.76 0.17
N GLU C 21 -7.84 -13.68 -0.61
CA GLU C 21 -9.01 -13.38 -1.43
C GLU C 21 -9.33 -14.49 -2.42
N SER C 22 -8.32 -15.03 -3.08
CA SER C 22 -8.54 -16.05 -4.11
C SER C 22 -9.11 -17.34 -3.53
N ALA C 23 -8.71 -17.68 -2.29
CA ALA C 23 -9.22 -18.86 -1.61
C ALA C 23 -10.56 -18.59 -0.88
N GLY C 24 -10.93 -17.32 -0.74
CA GLY C 24 -12.15 -16.97 -0.04
C GLY C 24 -12.09 -17.22 1.46
N THR C 25 -10.89 -17.19 2.04
CA THR C 25 -10.73 -17.47 3.46
C THR C 25 -10.22 -16.27 4.21
N PHE C 26 -10.63 -16.16 5.46
CA PHE C 26 -9.99 -15.26 6.40
C PHE C 26 -10.10 -15.79 7.81
N SER C 27 -9.19 -15.35 8.67
CA SER C 27 -9.32 -15.64 10.08
C SER C 27 -9.00 -14.39 10.87
N MET C 28 -9.57 -14.31 12.06
CA MET C 28 -9.38 -13.19 12.96
C MET C 28 -9.29 -13.76 14.36
N TYR C 29 -8.14 -13.56 15.00
CA TYR C 29 -7.91 -14.05 16.35
C TYR C 29 -7.79 -12.83 17.24
N TRP C 30 -8.56 -12.84 18.33
CA TRP C 30 -8.47 -11.79 19.33
C TRP C 30 -8.53 -12.38 20.74
N GLU C 31 -7.74 -13.42 20.97
CA GLU C 31 -7.76 -14.11 22.26
C GLU C 31 -7.09 -13.32 23.41
N ASP C 32 -6.21 -12.38 23.07
CA ASP C 32 -5.71 -11.42 24.07
C ASP C 32 -6.76 -10.38 24.45
N GLY C 33 -7.84 -10.32 23.68
CA GLY C 33 -8.93 -9.40 23.95
C GLY C 33 -8.81 -8.13 23.11
N VAL C 34 -9.94 -7.44 22.95
CA VAL C 34 -9.96 -6.12 22.34
C VAL C 34 -10.72 -5.16 23.23
N SER C 35 -10.40 -3.89 23.13
CA SER C 35 -11.12 -2.86 23.88
C SER C 35 -11.65 -1.74 22.97
N SER C 36 -11.64 -2.01 21.65
CA SER C 36 -12.22 -1.15 20.63
C SER C 36 -12.90 -2.04 19.58
N ASP C 37 -13.72 -1.42 18.73
CA ASP C 37 -14.50 -2.13 17.71
C ASP C 37 -13.67 -2.44 16.47
N PHE C 38 -13.69 -3.69 16.04
CA PHE C 38 -13.15 -4.04 14.72
C PHE C 38 -14.26 -4.67 13.86
N VAL C 39 -14.17 -4.48 12.56
CA VAL C 39 -15.01 -5.20 11.61
C VAL C 39 -14.11 -5.65 10.48
N VAL C 40 -13.98 -6.97 10.33
CA VAL C 40 -13.11 -7.53 9.32
C VAL C 40 -13.84 -8.59 8.52
N GLY C 41 -13.43 -8.77 7.27
CA GLY C 41 -13.99 -9.79 6.44
C GLY C 41 -13.63 -9.65 4.98
N LEU C 42 -14.35 -10.41 4.17
CA LEU C 42 -14.14 -10.52 2.74
C LEU C 42 -15.48 -10.55 2.02
N GLY C 43 -15.49 -9.98 0.83
CA GLY C 43 -16.64 -10.01 -0.04
C GLY C 43 -16.40 -9.23 -1.31
N TRP C 44 -17.31 -8.31 -1.59
CA TRP C 44 -17.45 -7.74 -2.92
C TRP C 44 -17.60 -6.24 -2.83
N THR C 45 -16.96 -5.54 -3.76
CA THR C 45 -17.00 -4.07 -3.86
C THR C 45 -18.44 -3.57 -4.00
N THR C 46 -19.25 -4.32 -4.72
CA THR C 46 -20.65 -4.02 -4.90
C THR C 46 -21.44 -5.27 -4.55
N GLY C 47 -22.31 -5.14 -3.57
CA GLY C 47 -23.13 -6.26 -3.14
C GLY C 47 -24.26 -6.52 -4.13
N SER C 48 -24.93 -7.63 -3.89
CA SER C 48 -26.08 -8.03 -4.70
C SER C 48 -26.97 -8.91 -3.88
N SER C 49 -28.03 -9.41 -4.53
CA SER C 49 -28.92 -10.36 -3.85
C SER C 49 -28.48 -11.83 -4.06
N ASN C 50 -27.26 -12.07 -4.56
CA ASN C 50 -26.73 -13.43 -4.63
C ASN C 50 -26.66 -14.08 -3.23
N ALA C 51 -27.04 -15.35 -3.13
CA ALA C 51 -26.89 -16.08 -1.89
C ALA C 51 -25.41 -16.19 -1.52
N ILE C 52 -25.13 -16.12 -0.24
CA ILE C 52 -23.78 -16.29 0.28
C ILE C 52 -23.71 -17.57 1.08
N THR C 53 -22.77 -18.45 0.72
CA THR C 53 -22.54 -19.68 1.46
C THR C 53 -21.20 -19.61 2.14
N TYR C 54 -21.19 -19.92 3.43
CA TYR C 54 -20.01 -19.78 4.26
C TYR C 54 -19.88 -20.99 5.19
N SER C 55 -18.67 -21.18 5.69
CA SER C 55 -18.39 -22.14 6.73
C SER C 55 -17.43 -21.46 7.69
N ALA C 56 -17.62 -21.65 8.98
CA ALA C 56 -16.82 -20.94 9.96
C ALA C 56 -16.59 -21.73 11.23
N GLU C 57 -15.44 -21.50 11.84
CA GLU C 57 -15.24 -21.77 13.25
C GLU C 57 -15.32 -20.42 13.94
N TYR C 58 -16.24 -20.29 14.88
CA TYR C 58 -16.52 -19.00 15.51
C TYR C 58 -16.71 -19.24 17.00
N SER C 59 -15.75 -18.75 17.77
CA SER C 59 -15.75 -18.89 19.21
C SER C 59 -15.83 -17.50 19.83
N ALA C 60 -16.99 -17.13 20.34
CA ALA C 60 -17.19 -15.79 20.84
C ALA C 60 -18.04 -15.73 22.11
N SER C 61 -18.13 -16.83 22.84
CA SER C 61 -18.88 -16.83 24.11
C SER C 61 -18.33 -15.78 25.09
N GLY C 62 -17.03 -15.58 25.06
CA GLY C 62 -16.36 -14.58 25.89
C GLY C 62 -16.17 -13.21 25.25
N SER C 63 -16.99 -12.87 24.25
CA SER C 63 -16.85 -11.60 23.53
C SER C 63 -18.19 -11.00 23.14
N SER C 64 -18.23 -9.67 23.03
CA SER C 64 -19.34 -8.97 22.44
C SER C 64 -18.98 -8.87 20.95
N SER C 65 -19.65 -9.68 20.14
CA SER C 65 -19.21 -10.00 18.79
C SER C 65 -20.34 -10.48 17.91
N TYR C 66 -20.16 -10.35 16.60
CA TYR C 66 -21.07 -10.89 15.60
C TYR C 66 -20.31 -11.64 14.51
N LEU C 67 -20.97 -12.66 13.97
CA LEU C 67 -20.63 -13.30 12.71
C LEU C 67 -21.79 -12.98 11.78
N ALA C 68 -21.54 -12.26 10.69
CA ALA C 68 -22.65 -11.66 9.94
C ALA C 68 -22.30 -11.31 8.51
N VAL C 69 -23.30 -11.36 7.64
CA VAL C 69 -23.24 -10.65 6.38
C VAL C 69 -23.36 -9.18 6.79
N TYR C 70 -22.50 -8.32 6.22
CA TYR C 70 -22.42 -6.94 6.57
C TYR C 70 -22.25 -6.13 5.30
N GLY C 71 -22.95 -5.00 5.21
CA GLY C 71 -22.77 -4.13 4.05
C GLY C 71 -23.55 -2.84 4.15
N TRP C 72 -23.48 -2.09 3.07
CA TRP C 72 -24.15 -0.82 2.92
C TRP C 72 -24.94 -0.73 1.61
N VAL C 73 -25.97 0.12 1.66
CA VAL C 73 -26.71 0.55 0.49
C VAL C 73 -26.43 2.04 0.30
N ASN C 74 -26.17 2.44 -0.95
CA ASN C 74 -25.88 3.83 -1.27
C ASN C 74 -27.07 4.75 -1.03
N TYR C 75 -28.21 4.35 -1.56
CA TYR C 75 -29.43 5.17 -1.49
C TYR C 75 -30.66 4.27 -1.48
N PRO C 76 -31.62 4.48 -0.57
CA PRO C 76 -31.46 5.32 0.63
C PRO C 76 -30.31 4.77 1.44
N GLN C 77 -29.53 5.63 2.08
CA GLN C 77 -28.33 5.15 2.73
C GLN C 77 -28.67 4.23 3.87
N ALA C 78 -28.01 3.06 3.91
CA ALA C 78 -28.27 2.09 4.96
C ALA C 78 -27.06 1.23 5.27
N GLU C 79 -26.92 0.88 6.56
CA GLU C 79 -25.97 -0.12 7.04
C GLU C 79 -26.77 -1.33 7.44
N TYR C 80 -26.31 -2.52 7.11
CA TYR C 80 -27.08 -3.71 7.45
C TYR C 80 -26.21 -4.88 7.90
N TYR C 81 -26.85 -5.75 8.68
CA TYR C 81 -26.28 -6.99 9.17
C TYR C 81 -27.31 -8.12 9.07
N ILE C 82 -26.87 -9.29 8.59
CA ILE C 82 -27.59 -10.54 8.74
C ILE C 82 -26.73 -11.39 9.69
N VAL C 83 -27.12 -11.43 10.96
CA VAL C 83 -26.31 -12.01 12.02
C VAL C 83 -26.64 -13.50 12.12
N GLU C 84 -25.64 -14.33 11.86
CA GLU C 84 -25.79 -15.79 11.90
C GLU C 84 -25.49 -16.37 13.28
N ASP C 85 -24.53 -15.77 13.96
CA ASP C 85 -24.17 -16.13 15.31
C ASP C 85 -23.59 -14.90 15.99
N TYR C 86 -23.53 -14.93 17.31
CA TYR C 86 -23.02 -13.77 18.05
C TYR C 86 -22.59 -14.21 19.45
N GLY C 87 -21.92 -13.31 20.16
CA GLY C 87 -21.44 -13.58 21.50
C GLY C 87 -22.48 -13.18 22.53
N ASP C 88 -22.12 -12.25 23.42
CA ASP C 88 -22.92 -12.00 24.62
C ASP C 88 -24.00 -10.92 24.45
N TYR C 89 -24.14 -10.39 23.23
CA TYR C 89 -25.12 -9.34 22.94
C TYR C 89 -25.92 -9.62 21.67
N ASN C 90 -27.23 -9.73 21.86
CA ASN C 90 -28.17 -9.87 20.76
C ASN C 90 -28.65 -8.49 20.35
N PRO C 91 -28.30 -8.06 19.13
CA PRO C 91 -28.53 -6.67 18.72
C PRO C 91 -29.98 -6.23 18.48
N CYS C 92 -30.94 -7.14 18.44
CA CYS C 92 -32.34 -6.70 18.33
C CYS C 92 -33.04 -6.45 19.68
N SER C 93 -32.34 -6.72 20.77
CA SER C 93 -32.87 -6.41 22.09
C SER C 93 -33.15 -4.90 22.25
N SER C 94 -32.25 -4.05 21.75
CA SER C 94 -32.30 -2.60 21.98
C SER C 94 -33.14 -1.83 20.96
N ALA C 95 -33.48 -2.47 19.83
CA ALA C 95 -33.96 -1.73 18.67
C ALA C 95 -35.45 -1.90 18.40
N THR C 96 -35.95 -1.04 17.52
CA THR C 96 -37.34 -1.06 17.07
C THR C 96 -37.57 -2.33 16.27
N SER C 97 -38.54 -3.14 16.67
CA SER C 97 -38.87 -4.40 15.99
C SER C 97 -39.63 -4.19 14.69
N LEU C 98 -39.30 -4.96 13.66
CA LEU C 98 -40.08 -4.97 12.40
C LEU C 98 -40.70 -6.34 12.21
N GLY C 99 -40.72 -7.14 13.26
CA GLY C 99 -41.29 -8.47 13.15
C GLY C 99 -40.19 -9.43 12.79
N THR C 100 -40.52 -10.43 11.98
CA THR C 100 -39.60 -11.51 11.67
C THR C 100 -39.62 -11.81 10.18
N VAL C 101 -38.58 -12.51 9.75
CA VAL C 101 -38.52 -13.10 8.43
C VAL C 101 -37.96 -14.52 8.59
N TYR C 102 -38.51 -15.46 7.83
CA TYR C 102 -38.03 -16.83 7.82
C TYR C 102 -37.13 -17.03 6.62
N SER C 103 -35.93 -17.58 6.84
CA SER C 103 -35.02 -17.88 5.75
C SER C 103 -34.01 -18.93 6.15
N ASP C 104 -33.71 -19.84 5.23
CA ASP C 104 -32.65 -20.81 5.39
C ASP C 104 -32.74 -21.56 6.69
N GLY C 105 -33.95 -22.00 7.03
CA GLY C 105 -34.15 -22.88 8.17
C GLY C 105 -34.31 -22.28 9.55
N SER C 106 -34.44 -20.96 9.64
CA SER C 106 -34.70 -20.31 10.92
C SER C 106 -35.52 -19.04 10.76
N THR C 107 -36.29 -18.74 11.77
CA THR C 107 -36.83 -17.40 11.97
C THR C 107 -35.67 -16.48 12.29
N TYR C 108 -35.73 -15.26 11.77
CA TYR C 108 -34.83 -14.19 12.16
C TYR C 108 -35.68 -13.06 12.76
N GLN C 109 -35.21 -12.48 13.86
CA GLN C 109 -35.81 -11.26 14.39
C GLN C 109 -35.23 -10.10 13.59
N VAL C 110 -36.08 -9.16 13.20
CA VAL C 110 -35.69 -8.02 12.37
C VAL C 110 -35.88 -6.74 13.15
N CYS C 111 -34.86 -5.88 13.15
CA CYS C 111 -35.01 -4.59 13.81
C CYS C 111 -34.33 -3.53 12.98
N THR C 112 -34.70 -2.29 13.26
CA THR C 112 -34.15 -1.15 12.54
C THR C 112 -33.90 -0.01 13.54
N ASP C 113 -33.05 0.92 13.15
CA ASP C 113 -32.82 2.13 13.92
C ASP C 113 -32.40 3.26 12.96
N THR C 114 -32.69 4.50 13.33
CA THR C 114 -32.14 5.65 12.63
C THR C 114 -30.81 6.01 13.27
N ARG C 115 -29.83 6.31 12.44
CA ARG C 115 -28.48 6.64 12.88
C ARG C 115 -28.27 8.12 12.52
N THR C 116 -28.15 8.98 13.53
CA THR C 116 -28.15 10.43 13.31
C THR C 116 -26.74 11.03 13.48
N ASN C 117 -26.28 11.74 12.45
CA ASN C 117 -24.97 12.41 12.49
C ASN C 117 -23.84 11.46 12.89
N GLU C 118 -23.76 10.32 12.22
CA GLU C 118 -22.74 9.32 12.50
C GLU C 118 -21.95 8.99 11.25
N PRO C 119 -20.74 8.46 11.42
CA PRO C 119 -19.95 8.03 10.27
C PRO C 119 -20.70 7.09 9.33
N SER C 120 -20.47 7.28 8.05
CA SER C 120 -21.05 6.43 7.00
C SER C 120 -20.09 6.39 5.84
N ILE C 121 -20.46 5.60 4.83
CA ILE C 121 -19.69 5.54 3.59
C ILE C 121 -19.61 6.86 2.81
N THR C 122 -20.39 7.87 3.20
CA THR C 122 -20.21 9.22 2.61
C THR C 122 -19.92 10.31 3.65
N GLY C 123 -19.39 9.93 4.79
CA GLY C 123 -19.03 10.90 5.81
C GLY C 123 -20.14 10.97 6.83
N THR C 124 -20.04 11.98 7.69
CA THR C 124 -21.07 12.19 8.70
C THR C 124 -22.43 12.30 8.04
N SER C 125 -23.37 11.47 8.48
CA SER C 125 -24.64 11.34 7.79
C SER C 125 -25.77 10.87 8.71
N THR C 126 -26.98 10.92 8.19
CA THR C 126 -28.15 10.34 8.87
C THR C 126 -28.71 9.26 7.96
N PHE C 127 -28.82 8.05 8.49
CA PHE C 127 -29.13 6.88 7.69
C PHE C 127 -29.90 5.86 8.53
N THR C 128 -30.22 4.74 7.92
CA THR C 128 -31.00 3.68 8.56
C THR C 128 -30.15 2.44 8.68
N GLN C 129 -30.34 1.72 9.77
CA GLN C 129 -29.67 0.47 10.06
C GLN C 129 -30.69 -0.66 10.13
N TYR C 130 -30.34 -1.81 9.56
CA TYR C 130 -31.17 -2.99 9.53
C TYR C 130 -30.40 -4.17 10.09
N PHE C 131 -31.04 -4.93 10.99
CA PHE C 131 -30.49 -6.19 11.49
C PHE C 131 -31.52 -7.28 11.24
N SER C 132 -31.08 -8.41 10.72
CA SER C 132 -31.78 -9.70 10.89
C SER C 132 -30.89 -10.53 11.80
N VAL C 133 -31.45 -11.15 12.83
CA VAL C 133 -30.66 -11.91 13.80
C VAL C 133 -31.26 -13.32 13.88
N ARG C 134 -30.46 -14.32 13.54
CA ARG C 134 -30.94 -15.70 13.48
C ARG C 134 -31.32 -16.21 14.86
N GLU C 135 -32.50 -16.80 14.97
CA GLU C 135 -32.99 -17.35 16.23
C GLU C 135 -32.26 -18.65 16.59
N SER C 136 -32.07 -19.53 15.60
CA SER C 136 -31.24 -20.73 15.77
C SER C 136 -29.86 -20.42 15.22
N THR C 137 -28.96 -19.91 16.05
CA THR C 137 -27.63 -19.51 15.56
C THR C 137 -26.87 -20.68 14.97
N ARG C 138 -25.99 -20.37 14.03
CA ARG C 138 -25.20 -21.38 13.35
C ARG C 138 -23.92 -20.76 12.83
N THR C 139 -23.00 -21.60 12.41
CA THR C 139 -21.70 -21.13 11.93
C THR C 139 -21.37 -21.68 10.56
N SER C 140 -22.36 -22.20 9.85
CA SER C 140 -22.20 -22.56 8.45
C SER C 140 -23.58 -22.69 7.82
N GLY C 141 -23.63 -22.43 6.53
CA GLY C 141 -24.86 -22.55 5.76
C GLY C 141 -24.93 -21.58 4.60
N THR C 142 -26.12 -21.44 4.05
CA THR C 142 -26.38 -20.51 2.96
C THR C 142 -27.32 -19.42 3.45
N VAL C 143 -26.95 -18.17 3.18
CA VAL C 143 -27.78 -17.02 3.51
C VAL C 143 -28.43 -16.57 2.20
N THR C 144 -29.73 -16.79 2.08
CA THR C 144 -30.47 -16.32 0.93
C THR C 144 -30.78 -14.85 1.21
N VAL C 145 -29.79 -14.02 0.92
CA VAL C 145 -29.88 -12.61 1.24
C VAL C 145 -31.13 -11.96 0.64
N ALA C 146 -31.60 -12.43 -0.51
CA ALA C 146 -32.78 -11.83 -1.16
C ALA C 146 -34.01 -11.87 -0.26
N ASN C 147 -34.15 -12.93 0.56
CA ASN C 147 -35.31 -13.02 1.46
C ASN C 147 -35.27 -11.91 2.52
N HIS C 148 -34.09 -11.65 3.07
CA HIS C 148 -33.91 -10.59 4.03
C HIS C 148 -34.14 -9.21 3.41
N PHE C 149 -33.51 -8.98 2.26
CA PHE C 149 -33.57 -7.67 1.60
C PHE C 149 -35.02 -7.37 1.19
N ASN C 150 -35.75 -8.38 0.71
CA ASN C 150 -37.15 -8.17 0.33
C ASN C 150 -38.02 -7.79 1.52
N PHE C 151 -37.77 -8.41 2.66
CA PHE C 151 -38.53 -8.08 3.85
C PHE C 151 -38.18 -6.67 4.37
N TRP C 152 -36.89 -6.36 4.43
CA TRP C 152 -36.47 -5.02 4.83
C TRP C 152 -37.00 -3.92 3.88
N ALA C 153 -37.19 -4.26 2.60
CA ALA C 153 -37.73 -3.33 1.61
C ALA C 153 -39.17 -2.89 1.89
N GLN C 154 -39.88 -3.66 2.72
CA GLN C 154 -41.18 -3.24 3.26
C GLN C 154 -41.05 -2.14 4.32
N HIS C 155 -39.83 -1.87 4.75
CA HIS C 155 -39.53 -0.97 5.84
C HIS C 155 -38.42 0.00 5.48
N GLY C 156 -38.32 0.36 4.20
CA GLY C 156 -37.45 1.43 3.78
C GLY C 156 -36.14 1.04 3.14
N PHE C 157 -35.82 -0.25 3.09
CA PHE C 157 -34.54 -0.69 2.53
C PHE C 157 -34.52 -0.67 1.01
N GLY C 158 -33.51 -0.02 0.42
CA GLY C 158 -33.51 0.23 -1.02
C GLY C 158 -33.52 -1.02 -1.89
N ASN C 159 -32.87 -2.06 -1.42
CA ASN C 159 -32.89 -3.36 -2.10
C ASN C 159 -32.35 -3.26 -3.54
N SER C 160 -31.39 -2.37 -3.69
CA SER C 160 -30.76 -2.03 -4.95
C SER C 160 -29.70 -0.99 -4.62
N ASP C 161 -28.87 -0.65 -5.59
CA ASP C 161 -27.83 0.37 -5.42
C ASP C 161 -26.97 0.10 -4.21
N PHE C 162 -26.44 -1.12 -4.18
CA PHE C 162 -25.59 -1.58 -3.09
C PHE C 162 -24.20 -0.97 -3.16
N ASN C 163 -23.61 -0.74 -1.99
CA ASN C 163 -22.17 -0.53 -1.89
C ASN C 163 -21.55 -1.88 -1.48
N TYR C 164 -20.49 -1.88 -0.68
CA TYR C 164 -19.81 -3.14 -0.41
C TYR C 164 -20.62 -4.10 0.45
N GLN C 165 -20.22 -5.36 0.40
CA GLN C 165 -20.96 -6.46 1.04
C GLN C 165 -19.95 -7.54 1.34
N VAL C 166 -19.89 -7.95 2.60
CA VAL C 166 -18.93 -8.93 3.05
C VAL C 166 -19.54 -9.92 4.04
N MET C 167 -18.88 -11.06 4.19
CA MET C 167 -19.01 -11.88 5.36
C MET C 167 -17.96 -11.40 6.34
N ALA C 168 -18.40 -11.06 7.54
CA ALA C 168 -17.57 -10.37 8.49
C ALA C 168 -17.65 -10.95 9.89
N VAL C 169 -16.60 -10.66 10.64
CA VAL C 169 -16.59 -10.83 12.09
C VAL C 169 -16.34 -9.46 12.70
N GLU C 170 -17.18 -9.10 13.65
CA GLU C 170 -17.04 -7.88 14.42
C GLU C 170 -16.91 -8.24 15.89
N ALA C 171 -16.06 -7.53 16.60
CA ALA C 171 -16.10 -7.53 18.06
C ALA C 171 -15.58 -6.21 18.62
N TRP C 172 -16.01 -5.88 19.85
CA TRP C 172 -15.65 -4.62 20.48
C TRP C 172 -15.32 -4.77 21.98
N SER C 173 -15.43 -6.00 22.50
CA SER C 173 -15.10 -6.31 23.90
C SER C 173 -14.77 -7.79 24.00
N GLY C 174 -13.98 -8.15 24.99
CA GLY C 174 -13.72 -9.56 25.25
C GLY C 174 -12.79 -10.19 24.25
N ALA C 175 -12.81 -11.53 24.22
CA ALA C 175 -11.82 -12.29 23.50
C ALA C 175 -12.48 -13.47 22.77
N GLY C 176 -11.91 -13.84 21.64
CA GLY C 176 -12.46 -14.90 20.81
C GLY C 176 -11.61 -15.17 19.61
N SER C 177 -12.11 -15.98 18.69
CA SER C 177 -11.43 -16.28 17.45
C SER C 177 -12.41 -16.69 16.37
N ALA C 178 -11.99 -16.59 15.12
CA ALA C 178 -12.85 -16.97 14.01
C ALA C 178 -12.02 -17.36 12.80
N SER C 179 -12.49 -18.36 12.06
CA SER C 179 -11.94 -18.68 10.74
C SER C 179 -13.12 -18.91 9.82
N VAL C 180 -13.10 -18.30 8.66
CA VAL C 180 -14.26 -18.29 7.79
C VAL C 180 -13.83 -18.64 6.37
N THR C 181 -14.66 -19.42 5.70
CA THR C 181 -14.48 -19.67 4.29
C THR C 181 -15.78 -19.28 3.59
N ILE C 182 -15.66 -18.50 2.52
CA ILE C 182 -16.80 -18.13 1.71
C ILE C 182 -16.69 -18.96 0.46
N SER C 183 -17.60 -19.90 0.27
CA SER C 183 -17.53 -20.72 -0.92
C SER C 183 -18.35 -19.98 -1.95
N ALA D 2 21.10 1.61 13.82
CA ALA D 2 19.77 2.10 14.32
C ALA D 2 18.67 1.11 13.93
N GLY D 3 17.44 1.45 14.32
CA GLY D 3 16.29 0.68 13.96
C GLY D 3 16.13 0.57 12.44
N ILE D 4 15.72 -0.61 12.01
CA ILE D 4 15.37 -0.86 10.61
C ILE D 4 14.27 0.10 10.18
N ASN D 5 14.45 0.74 9.01
CA ASN D 5 13.43 1.60 8.43
C ASN D 5 13.23 1.38 6.93
N TYR D 6 13.84 0.33 6.40
CA TYR D 6 13.81 0.10 4.96
C TYR D 6 13.67 -1.37 4.68
N VAL D 7 12.75 -1.70 3.79
CA VAL D 7 12.54 -3.07 3.35
C VAL D 7 12.94 -3.23 1.90
N GLN D 8 13.88 -4.13 1.63
CA GLN D 8 14.27 -4.45 0.25
C GLN D 8 13.41 -5.60 -0.23
N ASN D 9 12.68 -5.36 -1.33
CA ASN D 9 11.81 -6.38 -1.88
C ASN D 9 11.73 -6.28 -3.40
N TYR D 10 12.66 -6.96 -4.05
CA TYR D 10 12.68 -7.13 -5.48
C TYR D 10 12.35 -8.59 -5.75
N ASN D 11 11.15 -8.83 -6.27
CA ASN D 11 10.68 -10.19 -6.57
C ASN D 11 10.62 -11.14 -5.37
N GLY D 12 10.32 -10.61 -4.18
CA GLY D 12 10.08 -11.41 -3.00
C GLY D 12 8.93 -12.40 -3.20
N ASN D 13 7.96 -12.02 -4.04
CA ASN D 13 6.82 -12.87 -4.40
C ASN D 13 7.18 -14.17 -5.15
N LEU D 14 8.42 -14.32 -5.56
CA LEU D 14 8.89 -15.57 -6.16
C LEU D 14 9.10 -16.69 -5.14
N GLY D 15 9.21 -16.31 -3.87
CA GLY D 15 9.15 -17.25 -2.75
C GLY D 15 8.24 -16.73 -1.65
N ASP D 16 8.56 -17.10 -0.42
CA ASP D 16 7.82 -16.67 0.76
C ASP D 16 8.70 -15.74 1.59
N PHE D 17 8.44 -14.44 1.45
CA PHE D 17 9.22 -13.41 2.12
C PHE D 17 8.40 -12.90 3.30
N THR D 18 8.94 -13.06 4.51
CA THR D 18 8.37 -12.51 5.73
C THR D 18 9.36 -11.61 6.39
N TYR D 19 8.87 -10.57 7.04
CA TYR D 19 9.74 -9.70 7.82
C TYR D 19 9.01 -8.97 8.93
N ASP D 20 9.80 -8.49 9.88
CA ASP D 20 9.35 -7.70 11.02
C ASP D 20 10.43 -6.66 11.27
N GLU D 21 10.20 -5.44 10.81
CA GLU D 21 11.20 -4.39 10.90
C GLU D 21 11.58 -4.09 12.34
N SER D 22 10.62 -4.05 13.25
CA SER D 22 10.92 -3.68 14.63
C SER D 22 11.77 -4.75 15.31
N ALA D 23 11.62 -6.01 14.90
CA ALA D 23 12.39 -7.11 15.46
C ALA D 23 13.72 -7.30 14.73
N GLY D 24 13.89 -6.65 13.58
CA GLY D 24 15.07 -6.83 12.78
C GLY D 24 15.19 -8.19 12.14
N THR D 25 14.05 -8.86 11.89
CA THR D 25 14.08 -10.21 11.33
C THR D 25 13.43 -10.30 9.97
N PHE D 26 13.95 -11.18 9.14
CA PHE D 26 13.25 -11.61 7.96
C PHE D 26 13.61 -13.03 7.58
N SER D 27 12.74 -13.67 6.82
CA SER D 27 13.04 -14.95 6.25
C SER D 27 12.57 -14.98 4.80
N MET D 28 13.23 -15.82 4.02
CA MET D 28 12.92 -16.01 2.62
C MET D 28 13.07 -17.47 2.30
N TYR D 29 11.97 -18.11 1.95
CA TYR D 29 11.98 -19.53 1.58
C TYR D 29 11.75 -19.63 0.10
N TRP D 30 12.62 -20.38 -0.59
CA TRP D 30 12.45 -20.64 -2.01
C TRP D 30 12.72 -22.10 -2.31
N GLU D 31 12.16 -22.98 -1.48
CA GLU D 31 12.41 -24.42 -1.63
C GLU D 31 11.76 -25.05 -2.87
N ASP D 32 10.70 -24.45 -3.39
CA ASP D 32 10.14 -24.87 -4.69
C ASP D 32 11.03 -24.44 -5.87
N GLY D 33 12.01 -23.58 -5.60
CA GLY D 33 12.93 -23.10 -6.62
C GLY D 33 12.48 -21.75 -7.16
N VAL D 34 13.43 -21.02 -7.75
CA VAL D 34 13.12 -19.82 -8.52
C VAL D 34 13.75 -19.89 -9.88
N SER D 35 13.17 -19.15 -10.83
CA SER D 35 13.69 -19.06 -12.18
C SER D 35 13.95 -17.61 -12.60
N SER D 36 13.87 -16.70 -11.63
CA SER D 36 14.20 -15.28 -11.82
C SER D 36 14.95 -14.81 -10.58
N ASP D 37 15.53 -13.62 -10.69
CA ASP D 37 16.33 -13.02 -9.63
C ASP D 37 15.47 -12.30 -8.61
N PHE D 38 15.68 -12.60 -7.34
CA PHE D 38 15.09 -11.81 -6.25
C PHE D 38 16.21 -11.24 -5.37
N VAL D 39 15.96 -10.08 -4.78
CA VAL D 39 16.80 -9.53 -3.73
C VAL D 39 15.89 -9.01 -2.64
N VAL D 40 15.95 -9.64 -1.46
CA VAL D 40 15.12 -9.26 -0.34
C VAL D 40 15.97 -9.01 0.91
N GLY D 41 15.46 -8.17 1.80
CA GLY D 41 16.14 -7.93 3.05
C GLY D 41 15.62 -6.72 3.80
N LEU D 42 16.38 -6.35 4.82
CA LEU D 42 16.04 -5.27 5.71
C LEU D 42 17.28 -4.43 6.00
N GLY D 43 17.05 -3.15 6.19
CA GLY D 43 18.11 -2.24 6.57
C GLY D 43 17.60 -0.81 6.66
N TRP D 44 18.30 0.07 5.97
CA TRP D 44 18.20 1.51 6.23
C TRP D 44 18.07 2.27 4.93
N THR D 45 17.24 3.31 4.97
CA THR D 45 16.99 4.16 3.80
C THR D 45 18.27 4.82 3.33
N THR D 46 19.14 5.13 4.29
CA THR D 46 20.44 5.73 3.99
C THR D 46 21.48 4.92 4.75
N GLY D 47 22.40 4.35 4.00
CA GLY D 47 23.47 3.57 4.59
C GLY D 47 24.52 4.44 5.25
N SER D 48 25.43 3.77 5.93
CA SER D 48 26.53 4.42 6.61
C SER D 48 27.66 3.43 6.78
N SER D 49 28.71 3.90 7.45
CA SER D 49 29.82 3.02 7.80
C SER D 49 29.65 2.34 9.16
N ASN D 50 28.44 2.35 9.73
CA ASN D 50 28.18 1.60 10.96
C ASN D 50 28.38 0.10 10.72
N ALA D 51 28.99 -0.59 11.66
CA ALA D 51 29.13 -2.04 11.58
C ALA D 51 27.74 -2.69 11.61
N ILE D 52 27.58 -3.76 10.87
CA ILE D 52 26.34 -4.53 10.84
C ILE D 52 26.58 -5.90 11.44
N THR D 53 25.81 -6.22 12.48
CA THR D 53 25.87 -7.53 13.11
C THR D 53 24.60 -8.31 12.79
N TYR D 54 24.79 -9.55 12.33
CA TYR D 54 23.70 -10.40 11.88
C TYR D 54 23.90 -11.84 12.37
N SER D 55 22.81 -12.59 12.39
CA SER D 55 22.88 -14.04 12.53
C SER D 55 21.86 -14.61 11.57
N ALA D 56 22.17 -15.75 10.98
CA ALA D 56 21.33 -16.28 9.94
C ALA D 56 21.40 -17.79 9.90
N GLU D 57 20.29 -18.39 9.50
CA GLU D 57 20.29 -19.72 8.94
C GLU D 57 20.21 -19.54 7.44
N TYR D 58 21.18 -20.09 6.72
CA TYR D 58 21.28 -19.87 5.28
C TYR D 58 21.63 -21.19 4.62
N SER D 59 20.68 -21.73 3.88
CA SER D 59 20.85 -22.99 3.20
C SER D 59 20.73 -22.74 1.70
N ALA D 60 21.87 -22.75 1.01
CA ALA D 60 21.87 -22.38 -0.41
C ALA D 60 22.78 -23.26 -1.26
N SER D 61 23.12 -24.45 -0.79
CA SER D 61 23.98 -25.35 -1.56
C SER D 61 23.34 -25.70 -2.92
N GLY D 62 22.02 -25.76 -2.95
CA GLY D 62 21.25 -26.04 -4.16
C GLY D 62 20.77 -24.81 -4.93
N SER D 63 21.43 -23.66 -4.72
CA SER D 63 20.98 -22.41 -5.33
C SER D 63 22.14 -21.50 -5.73
N SER D 64 21.93 -20.72 -6.80
CA SER D 64 22.82 -19.63 -7.14
C SER D 64 22.29 -18.42 -6.36
N SER D 65 23.01 -18.06 -5.31
CA SER D 65 22.50 -17.22 -4.24
C SER D 65 23.62 -16.53 -3.47
N TYR D 66 23.28 -15.41 -2.83
CA TYR D 66 24.17 -14.71 -1.89
C TYR D 66 23.46 -14.38 -0.60
N LEU D 67 24.23 -14.38 0.48
CA LEU D 67 23.90 -13.72 1.75
C LEU D 67 24.89 -12.58 1.88
N ALA D 68 24.40 -11.34 1.91
CA ALA D 68 25.32 -10.19 1.73
C ALA D 68 24.75 -8.89 2.28
N VAL D 69 25.65 -8.01 2.72
CA VAL D 69 25.32 -6.60 2.84
C VAL D 69 25.23 -6.12 1.40
N TYR D 70 24.18 -5.36 1.10
CA TYR D 70 23.87 -4.94 -0.24
C TYR D 70 23.43 -3.49 -0.18
N GLY D 71 23.92 -2.67 -1.10
CA GLY D 71 23.43 -1.30 -1.15
C GLY D 71 23.97 -0.53 -2.34
N TRP D 72 23.65 0.77 -2.34
CA TRP D 72 24.06 1.69 -3.38
C TRP D 72 24.68 2.96 -2.81
N VAL D 73 25.51 3.58 -3.63
CA VAL D 73 26.04 4.91 -3.38
C VAL D 73 25.46 5.81 -4.47
N ASN D 74 25.00 6.99 -4.07
CA ASN D 74 24.45 7.95 -5.03
C ASN D 74 25.46 8.47 -6.04
N TYR D 75 26.60 8.90 -5.55
CA TYR D 75 27.65 9.52 -6.37
C TYR D 75 29.03 9.24 -5.74
N PRO D 76 30.00 8.79 -6.53
CA PRO D 76 29.82 8.23 -7.86
C PRO D 76 28.87 7.05 -7.76
N GLN D 77 28.01 6.86 -8.75
CA GLN D 77 26.99 5.83 -8.62
C GLN D 77 27.62 4.46 -8.52
N ALA D 78 27.19 3.69 -7.52
CA ALA D 78 27.72 2.34 -7.34
C ALA D 78 26.74 1.40 -6.70
N GLU D 79 26.80 0.14 -7.12
CA GLU D 79 26.11 -0.96 -6.47
C GLU D 79 27.15 -1.80 -5.77
N TYR D 80 26.87 -2.25 -4.56
CA TYR D 80 27.88 -3.03 -3.83
C TYR D 80 27.30 -4.19 -3.05
N TYR D 81 28.17 -5.17 -2.82
CA TYR D 81 27.89 -6.36 -2.04
C TYR D 81 29.08 -6.69 -1.13
N ILE D 82 28.82 -7.02 0.13
CA ILE D 82 29.79 -7.69 0.99
C ILE D 82 29.20 -9.09 1.23
N VAL D 83 29.73 -10.07 0.53
CA VAL D 83 29.16 -11.41 0.50
C VAL D 83 29.76 -12.23 1.64
N GLU D 84 28.91 -12.65 2.57
CA GLU D 84 29.33 -13.42 3.73
C GLU D 84 29.30 -14.93 3.48
N ASP D 85 28.33 -15.34 2.67
CA ASP D 85 28.19 -16.73 2.25
C ASP D 85 27.45 -16.74 0.92
N TYR D 86 27.53 -17.85 0.20
CA TYR D 86 26.89 -17.93 -1.12
C TYR D 86 26.67 -19.41 -1.50
N GLY D 87 25.95 -19.63 -2.60
CA GLY D 87 25.63 -20.97 -3.05
C GLY D 87 26.68 -21.44 -4.04
N ASP D 88 26.25 -21.74 -5.27
CA ASP D 88 27.12 -22.42 -6.22
C ASP D 88 27.95 -21.50 -7.12
N TYR D 89 27.87 -20.19 -6.88
CA TYR D 89 28.59 -19.19 -7.67
C TYR D 89 29.29 -18.12 -6.81
N ASN D 90 30.60 -18.08 -6.94
CA ASN D 90 31.44 -17.07 -6.30
C ASN D 90 31.62 -15.91 -7.27
N PRO D 91 31.08 -14.74 -6.94
CA PRO D 91 31.01 -13.62 -7.89
C PRO D 91 32.33 -12.91 -8.25
N CYS D 92 33.42 -13.17 -7.56
CA CYS D 92 34.70 -12.58 -8.00
C CYS D 92 35.49 -13.40 -9.04
N SER D 93 35.05 -14.63 -9.31
CA SER D 93 35.70 -15.46 -10.33
C SER D 93 35.68 -14.78 -11.71
N SER D 94 34.57 -14.15 -12.05
CA SER D 94 34.38 -13.53 -13.38
C SER D 94 35.03 -12.14 -13.51
N ALA D 95 35.14 -11.40 -12.40
CA ALA D 95 35.35 -9.95 -12.47
C ALA D 95 36.80 -9.49 -12.30
N THR D 96 37.02 -8.20 -12.57
CA THR D 96 38.35 -7.58 -12.44
C THR D 96 38.74 -7.60 -10.98
N SER D 97 39.91 -8.17 -10.68
CA SER D 97 40.43 -8.22 -9.31
C SER D 97 40.97 -6.88 -8.82
N LEU D 98 40.63 -6.52 -7.59
CA LEU D 98 41.21 -5.36 -6.92
C LEU D 98 42.14 -5.82 -5.80
N GLY D 99 42.38 -7.12 -5.71
CA GLY D 99 43.18 -7.64 -4.63
C GLY D 99 42.26 -8.08 -3.51
N THR D 100 42.65 -7.76 -2.29
CA THR D 100 42.08 -8.41 -1.14
C THR D 100 41.98 -7.39 0.02
N VAL D 101 41.03 -7.58 0.93
CA VAL D 101 40.95 -6.80 2.17
C VAL D 101 40.68 -7.77 3.31
N TYR D 102 41.30 -7.52 4.47
CA TYR D 102 41.09 -8.34 5.64
C TYR D 102 40.11 -7.62 6.56
N SER D 103 39.10 -8.32 7.04
CA SER D 103 38.16 -7.76 7.99
C SER D 103 37.38 -8.85 8.70
N ASP D 104 37.18 -8.65 10.00
CA ASP D 104 36.31 -9.51 10.80
C ASP D 104 36.66 -10.97 10.69
N GLY D 105 37.96 -11.26 10.76
CA GLY D 105 38.42 -12.64 10.84
C GLY D 105 38.62 -13.41 9.55
N SER D 106 38.51 -12.75 8.41
CA SER D 106 38.79 -13.38 7.13
C SER D 106 39.35 -12.41 6.10
N THR D 107 40.15 -12.95 5.19
CA THR D 107 40.44 -12.29 3.94
C THR D 107 39.17 -12.28 3.10
N TYR D 108 38.94 -11.19 2.38
CA TYR D 108 37.90 -11.11 1.35
C TYR D 108 38.58 -10.81 0.01
N GLN D 109 38.16 -11.52 -1.03
CA GLN D 109 38.54 -11.18 -2.40
C GLN D 109 37.68 -9.99 -2.82
N VAL D 110 38.31 -9.00 -3.46
CA VAL D 110 37.62 -7.79 -3.89
C VAL D 110 37.64 -7.70 -5.41
N CYS D 111 36.50 -7.41 -6.01
CA CYS D 111 36.47 -7.23 -7.45
C CYS D 111 35.51 -6.12 -7.81
N THR D 112 35.68 -5.61 -9.02
CA THR D 112 34.85 -4.53 -9.51
C THR D 112 34.49 -4.78 -10.98
N ASP D 113 33.45 -4.12 -11.44
CA ASP D 113 33.04 -4.15 -12.84
C ASP D 113 32.35 -2.82 -13.18
N THR D 114 32.43 -2.40 -14.44
CA THR D 114 31.61 -1.32 -14.94
C THR D 114 30.31 -1.91 -15.46
N ARG D 115 29.20 -1.25 -15.18
CA ARG D 115 27.86 -1.69 -15.56
C ARG D 115 27.34 -0.64 -16.53
N THR D 116 27.15 -1.02 -17.79
CA THR D 116 26.87 -0.05 -18.85
C THR D 116 25.41 -0.14 -19.28
N ASN D 117 24.72 1.00 -19.28
CA ASN D 117 23.32 1.08 -19.71
C ASN D 117 22.46 0.02 -19.03
N GLU D 118 22.52 -0.05 -17.71
CA GLU D 118 21.73 -1.00 -16.95
C GLU D 118 20.90 -0.29 -15.90
N PRO D 119 19.87 -0.96 -15.42
CA PRO D 119 19.04 -0.38 -14.34
C PRO D 119 19.87 0.02 -13.13
N SER D 120 19.48 1.15 -12.55
CA SER D 120 20.09 1.67 -11.32
C SER D 120 19.03 2.40 -10.53
N ILE D 121 19.43 2.89 -9.36
CA ILE D 121 18.54 3.71 -8.53
C ILE D 121 18.14 5.05 -9.18
N THR D 122 18.74 5.43 -10.30
CA THR D 122 18.27 6.60 -11.07
C THR D 122 17.91 6.30 -12.53
N GLY D 123 17.56 5.07 -12.80
CA GLY D 123 17.14 4.70 -14.14
C GLY D 123 18.31 4.08 -14.89
N THR D 124 18.11 3.88 -16.18
CA THR D 124 19.17 3.35 -17.02
C THR D 124 20.43 4.20 -16.86
N SER D 125 21.55 3.55 -16.53
CA SER D 125 22.73 4.29 -16.16
C SER D 125 24.02 3.49 -16.41
N THR D 126 25.14 4.18 -16.27
CA THR D 126 26.44 3.53 -16.29
C THR D 126 27.10 3.81 -14.96
N PHE D 127 27.48 2.74 -14.27
CA PHE D 127 27.93 2.84 -12.89
C PHE D 127 28.97 1.76 -12.59
N THR D 128 29.43 1.73 -11.35
CA THR D 128 30.44 0.77 -10.93
C THR D 128 29.87 -0.17 -9.89
N GLN D 129 30.31 -1.42 -9.92
CA GLN D 129 29.88 -2.45 -8.99
C GLN D 129 31.09 -2.93 -8.19
N TYR D 130 30.89 -3.14 -6.89
CA TYR D 130 31.95 -3.59 -5.99
C TYR D 130 31.47 -4.84 -5.25
N PHE D 131 32.33 -5.85 -5.20
CA PHE D 131 32.08 -7.05 -4.41
C PHE D 131 33.28 -7.25 -3.48
N SER D 132 33.01 -7.49 -2.20
CA SER D 132 33.95 -8.16 -1.30
C SER D 132 33.35 -9.56 -1.09
N VAL D 133 34.14 -10.62 -1.20
CA VAL D 133 33.61 -11.98 -1.03
C VAL D 133 34.46 -12.71 0.02
N ARG D 134 33.81 -13.13 1.11
CA ARG D 134 34.54 -13.73 2.24
C ARG D 134 35.13 -15.07 1.85
N GLU D 135 36.41 -15.26 2.16
CA GLU D 135 37.10 -16.52 1.85
C GLU D 135 36.66 -17.62 2.81
N SER D 136 36.56 -17.32 4.10
CA SER D 136 35.99 -18.25 5.08
C SER D 136 34.52 -17.90 5.27
N THR D 137 33.64 -18.52 4.49
CA THR D 137 32.23 -18.12 4.54
C THR D 137 31.64 -18.41 5.91
N ARG D 138 30.62 -17.64 6.26
CA ARG D 138 29.96 -17.75 7.56
C ARG D 138 28.53 -17.24 7.47
N THR D 139 27.73 -17.54 8.48
CA THR D 139 26.33 -17.12 8.49
C THR D 139 25.99 -16.36 9.76
N SER D 140 27.00 -15.87 10.47
CA SER D 140 26.81 -14.94 11.59
C SER D 140 28.11 -14.23 11.91
N GLY D 141 27.98 -13.00 12.39
CA GLY D 141 29.13 -12.19 12.77
C GLY D 141 28.87 -10.71 12.63
N THR D 142 29.94 -9.94 12.72
CA THR D 142 29.90 -8.50 12.56
C THR D 142 30.67 -8.14 11.31
N VAL D 143 30.05 -7.35 10.45
CA VAL D 143 30.69 -6.83 9.27
C VAL D 143 31.11 -5.40 9.57
N THR D 144 32.41 -5.17 9.65
CA THR D 144 32.93 -3.85 9.86
C THR D 144 32.97 -3.21 8.47
N VAL D 145 31.83 -2.70 8.05
CA VAL D 145 31.69 -2.22 6.68
C VAL D 145 32.72 -1.14 6.36
N ALA D 146 33.12 -0.34 7.35
CA ALA D 146 34.11 0.71 7.11
C ALA D 146 35.41 0.18 6.50
N ASN D 147 35.83 -1.04 6.89
CA ASN D 147 37.05 -1.61 6.33
C ASN D 147 36.92 -1.90 4.83
N HIS D 148 35.75 -2.40 4.42
CA HIS D 148 35.47 -2.66 3.00
C HIS D 148 35.43 -1.38 2.22
N PHE D 149 34.66 -0.43 2.74
CA PHE D 149 34.43 0.85 2.07
C PHE D 149 35.73 1.62 1.88
N ASN D 150 36.59 1.60 2.91
CA ASN D 150 37.88 2.30 2.83
C ASN D 150 38.77 1.69 1.75
N PHE D 151 38.76 0.37 1.63
CA PHE D 151 39.55 -0.28 0.60
C PHE D 151 38.98 -0.01 -0.79
N TRP D 152 37.66 -0.13 -0.95
CA TRP D 152 37.07 0.17 -2.25
C TRP D 152 37.27 1.65 -2.67
N ALA D 153 37.41 2.54 -1.71
CA ALA D 153 37.65 3.96 -1.97
C ALA D 153 39.02 4.23 -2.62
N GLN D 154 39.92 3.26 -2.53
CA GLN D 154 41.18 3.30 -3.30
C GLN D 154 40.97 3.01 -4.78
N HIS D 155 39.75 2.58 -5.11
CA HIS D 155 39.41 2.11 -6.44
C HIS D 155 38.08 2.71 -6.91
N GLY D 156 37.81 3.93 -6.48
CA GLY D 156 36.73 4.72 -7.01
C GLY D 156 35.43 4.74 -6.21
N PHE D 157 35.35 4.04 -5.09
CA PHE D 157 34.12 4.00 -4.30
C PHE D 157 33.94 5.27 -3.48
N GLY D 158 32.78 5.91 -3.59
CA GLY D 158 32.59 7.23 -3.00
C GLY D 158 32.75 7.28 -1.49
N ASN D 159 32.38 6.20 -0.83
CA ASN D 159 32.57 6.07 0.63
C ASN D 159 31.87 7.20 1.40
N SER D 160 30.74 7.63 0.85
CA SER D 160 29.95 8.74 1.35
C SER D 160 28.75 8.84 0.41
N ASP D 161 27.77 9.64 0.79
CA ASP D 161 26.58 9.87 -0.02
C ASP D 161 25.91 8.56 -0.42
N PHE D 162 25.64 7.76 0.60
CA PHE D 162 25.01 6.45 0.46
C PHE D 162 23.51 6.57 0.14
N ASN D 163 22.99 5.62 -0.64
CA ASN D 163 21.56 5.41 -0.72
C ASN D 163 21.25 4.23 0.22
N TYR D 164 20.28 3.39 -0.11
CA TYR D 164 19.87 2.35 0.83
C TYR D 164 20.94 1.28 1.06
N GLN D 165 20.80 0.58 2.17
CA GLN D 165 21.79 -0.39 2.63
C GLN D 165 21.04 -1.43 3.44
N VAL D 166 21.20 -2.69 3.08
CA VAL D 166 20.48 -3.78 3.72
C VAL D 166 21.36 -5.01 3.92
N MET D 167 20.95 -5.85 4.86
CA MET D 167 21.34 -7.24 4.86
C MET D 167 20.33 -7.99 4.03
N ALA D 168 20.82 -8.70 3.02
CA ALA D 168 19.98 -9.27 1.98
C ALA D 168 20.28 -10.72 1.69
N VAL D 169 19.27 -11.37 1.11
CA VAL D 169 19.42 -12.66 0.45
C VAL D 169 19.00 -12.45 -0.99
N GLU D 170 19.84 -12.89 -1.90
CA GLU D 170 19.56 -12.90 -3.32
C GLU D 170 19.65 -14.33 -3.83
N ALA D 171 18.75 -14.69 -4.71
CA ALA D 171 18.94 -15.89 -5.54
C ALA D 171 18.27 -15.73 -6.89
N TRP D 172 18.76 -16.46 -7.88
CA TRP D 172 18.21 -16.39 -9.23
C TRP D 172 18.07 -17.75 -9.90
N SER D 173 18.43 -18.81 -9.18
CA SER D 173 18.11 -20.18 -9.62
C SER D 173 18.24 -21.15 -8.46
N GLY D 174 17.68 -22.33 -8.64
CA GLY D 174 17.75 -23.36 -7.64
C GLY D 174 16.84 -23.03 -6.47
N ALA D 175 17.07 -23.73 -5.37
CA ALA D 175 16.17 -23.74 -4.24
C ALA D 175 16.97 -23.62 -2.95
N GLY D 176 16.38 -22.98 -1.94
CA GLY D 176 17.03 -22.81 -0.65
C GLY D 176 16.13 -22.11 0.33
N SER D 177 16.69 -21.71 1.46
CA SER D 177 15.96 -20.98 2.48
C SER D 177 16.89 -20.11 3.31
N ALA D 178 16.34 -19.12 3.97
CA ALA D 178 17.13 -18.26 4.84
C ALA D 178 16.27 -17.62 5.90
N SER D 179 16.83 -17.46 7.09
CA SER D 179 16.22 -16.67 8.17
C SER D 179 17.33 -15.81 8.73
N VAL D 180 17.09 -14.51 8.88
CA VAL D 180 18.13 -13.57 9.23
C VAL D 180 17.64 -12.68 10.35
N THR D 181 18.52 -12.41 11.29
CA THR D 181 18.25 -11.41 12.31
C THR D 181 19.39 -10.39 12.23
N ILE D 182 19.03 -9.11 12.22
CA ILE D 182 20.00 -8.03 12.26
C ILE D 182 19.91 -7.46 13.65
N SER D 183 20.96 -7.59 14.43
CA SER D 183 20.91 -7.11 15.79
C SER D 183 21.47 -5.72 15.75
#